data_2C25
#
_entry.id   2C25
#
_cell.length_a   51.728
_cell.length_b   144.403
_cell.length_c   52.601
_cell.angle_alpha   90.00
_cell.angle_beta   92.98
_cell.angle_gamma   90.00
#
_symmetry.space_group_name_H-M   'P 1 21 1'
#
loop_
_entity.id
_entity.type
_entity.pdbx_description
1 polymer 'PSATHYRELLA VELUTINA LECTIN PVL'
2 non-polymer 'CALCIUM ION'
3 non-polymer 'N-acetyl-alpha-neuraminic acid'
4 non-polymer 'SULFATE ION'
5 water water
#
_entity_poly.entity_id   1
_entity_poly.type   'polypeptide(L)'
_entity_poly.pdbx_seq_one_letter_code
;SVVVISQALPVPTRIPGVADLVGFGNGGVYIIRNSLLIQVVKVINNFGYDAGGWRVEKHVRLLADTTGDNQSDVVGFGEN
GVWISTNNGNNTFVDPPKMVLANFAYAAGGWRVEKHIRFMADLRKTGRADIVGFGDGGIYISRNNGGGQFAPAQLALNNF
GYAQGWRLDRHLRFLADVTGDGLLDVVGFGENQVYIARNSGNGTFQPAQAVVNNFCIGAGGWTISAHPRVVADLTGDRKA
DILGFGVAGVYTSLNNGNGTFGAVNLVLKDFGVNSGWRVEKHVRCVSSLTNKKVGDIIGFGDAGVYVALNNGNGTFGPVK
RVIDNFGYNQGWRVDKHPRFVVDLTGDGCADIVGFGENSVWACMNKGDGTFGPIMKLIDDMTVSKGWTLQKTVRYAANLY
L
;
_entity_poly.pdbx_strand_id   A,B
#
loop_
_chem_comp.id
_chem_comp.type
_chem_comp.name
_chem_comp.formula
CA non-polymer 'CALCIUM ION' 'Ca 2'
SIA D-saccharide, alpha linking 'N-acetyl-alpha-neuraminic acid' 'C11 H19 N O9'
SO4 non-polymer 'SULFATE ION' 'O4 S -2'
#
# COMPACT_ATOMS: atom_id res chain seq x y z
N SER A 1 11.10 13.08 -1.68
CA SER A 1 11.97 13.51 -0.56
C SER A 1 12.49 12.29 0.20
N VAL A 2 13.19 12.58 1.31
CA VAL A 2 13.96 11.58 2.08
C VAL A 2 13.52 11.60 3.57
N VAL A 3 13.94 10.61 4.41
CA VAL A 3 13.49 10.49 5.84
C VAL A 3 14.16 11.55 6.70
N VAL A 4 13.40 12.53 7.10
CA VAL A 4 13.87 13.55 8.08
C VAL A 4 12.82 13.50 9.23
N ILE A 5 13.31 13.50 10.46
CA ILE A 5 12.47 13.52 11.64
C ILE A 5 12.65 14.83 12.30
N SER A 6 11.54 15.53 12.54
CA SER A 6 11.65 16.84 13.20
C SER A 6 10.69 16.95 14.40
N GLN A 7 10.84 18.01 15.20
CA GLN A 7 9.95 18.20 16.34
C GLN A 7 8.54 18.39 15.83
N ALA A 8 8.41 19.14 14.75
CA ALA A 8 7.10 19.49 14.22
C ALA A 8 6.45 18.31 13.55
N LEU A 9 7.27 17.48 12.90
CA LEU A 9 6.82 16.33 12.15
C LEU A 9 7.67 15.13 12.56
N PRO A 10 7.33 14.53 13.72
CA PRO A 10 8.09 13.36 14.20
C PRO A 10 7.73 12.04 13.50
N VAL A 11 6.68 12.04 12.69
CA VAL A 11 6.27 10.84 11.92
C VAL A 11 6.41 11.17 10.43
N PRO A 12 7.52 10.75 9.84
CA PRO A 12 7.73 11.00 8.44
C PRO A 12 6.80 10.19 7.58
N THR A 13 6.56 10.68 6.38
CA THR A 13 5.68 10.02 5.43
C THR A 13 6.46 9.84 4.14
N ARG A 14 6.10 8.84 3.36
CA ARG A 14 6.83 8.47 2.17
C ARG A 14 6.42 9.25 0.92
N ILE A 15 7.41 9.51 0.08
CA ILE A 15 7.26 10.09 -1.25
C ILE A 15 7.92 9.11 -2.23
N PRO A 16 7.13 8.43 -3.10
CA PRO A 16 5.65 8.39 -3.28
C PRO A 16 5.01 7.56 -2.20
N GLY A 17 3.70 7.77 -2.02
CA GLY A 17 2.96 7.12 -0.98
C GLY A 17 1.47 7.46 -1.05
N VAL A 18 0.69 6.68 -0.33
CA VAL A 18 -0.76 6.89 -0.18
C VAL A 18 -1.00 6.94 1.33
N ALA A 19 -0.70 8.09 1.95
CA ALA A 19 -0.68 8.15 3.39
C ALA A 19 -2.08 8.00 3.96
N ASP A 20 -2.14 7.32 5.10
CA ASP A 20 -3.33 7.20 5.90
C ASP A 20 -3.41 8.33 6.91
N LEU A 21 -4.56 8.45 7.54
CA LEU A 21 -4.74 9.40 8.65
C LEU A 21 -4.98 8.61 9.95
N VAL A 22 -4.32 9.08 10.99
CA VAL A 22 -4.34 8.48 12.33
C VAL A 22 -4.64 9.49 13.38
N GLY A 23 -5.62 9.16 14.22
CA GLY A 23 -6.03 10.05 15.25
C GLY A 23 -6.01 9.33 16.62
N PHE A 24 -5.30 9.94 17.54
CA PHE A 24 -5.37 9.60 18.95
C PHE A 24 -6.44 10.51 19.57
N GLY A 25 -7.66 10.00 19.61
CA GLY A 25 -8.79 10.74 20.17
C GLY A 25 -9.05 10.41 21.60
N ASN A 26 -10.11 11.01 22.14
CA ASN A 26 -10.46 10.77 23.55
C ASN A 26 -10.63 9.31 23.87
N GLY A 27 -11.25 8.58 22.97
CA GLY A 27 -11.63 7.19 23.19
C GLY A 27 -10.62 6.17 22.74
N GLY A 28 -9.48 6.63 22.22
CA GLY A 28 -8.40 5.74 21.82
C GLY A 28 -7.91 6.04 20.39
N VAL A 29 -7.40 5.03 19.70
CA VAL A 29 -6.82 5.19 18.37
C VAL A 29 -7.81 4.85 17.27
N TYR A 30 -7.89 5.72 16.27
CA TYR A 30 -8.75 5.59 15.11
C TYR A 30 -7.92 5.83 13.88
N ILE A 31 -8.25 5.12 12.83
CA ILE A 31 -7.55 5.33 11.54
C ILE A 31 -8.53 5.59 10.44
N ILE A 32 -8.07 6.37 9.45
CA ILE A 32 -8.72 6.44 8.16
C ILE A 32 -7.74 5.85 7.15
N ARG A 33 -8.02 4.65 6.70
CA ARG A 33 -7.17 4.01 5.73
C ARG A 33 -7.40 4.69 4.37
N ASN A 34 -6.30 5.09 3.73
CA ASN A 34 -6.29 5.66 2.40
C ASN A 34 -6.69 4.61 1.34
N SER A 35 -7.89 4.73 0.82
CA SER A 35 -8.46 3.70 -0.04
C SER A 35 -9.78 4.18 -0.64
N LEU A 36 -10.40 3.33 -1.45
CA LEU A 36 -11.74 3.58 -2.01
C LEU A 36 -12.91 3.65 -1.01
N LEU A 37 -12.74 3.11 0.20
CA LEU A 37 -13.72 3.29 1.28
C LEU A 37 -13.12 4.25 2.31
N ILE A 38 -13.73 5.41 2.44
CA ILE A 38 -13.27 6.39 3.44
C ILE A 38 -14.16 6.31 4.65
N GLN A 39 -13.61 5.78 5.73
CA GLN A 39 -14.32 5.69 6.98
C GLN A 39 -13.35 5.71 8.16
N VAL A 40 -13.87 6.03 9.36
CA VAL A 40 -13.07 5.99 10.56
C VAL A 40 -13.24 4.63 11.20
N VAL A 41 -12.11 3.96 11.50
CA VAL A 41 -12.10 2.70 12.20
C VAL A 41 -11.37 2.83 13.54
N LYS A 42 -12.05 2.50 14.65
CA LYS A 42 -11.36 2.49 15.95
C LYS A 42 -10.55 1.20 16.07
N VAL A 43 -9.27 1.32 16.42
CA VAL A 43 -8.38 0.18 16.46
C VAL A 43 -7.82 -0.17 17.84
N ILE A 44 -7.72 0.78 18.75
CA ILE A 44 -7.13 0.49 20.02
C ILE A 44 -7.90 1.21 21.05
N ASN A 45 -8.32 0.50 22.09
CA ASN A 45 -9.01 1.16 23.19
C ASN A 45 -8.01 1.64 24.24
N ASN A 46 -7.07 2.49 23.84
CA ASN A 46 -5.98 2.95 24.66
C ASN A 46 -5.28 4.10 23.90
N PHE A 47 -4.26 4.67 24.50
CA PHE A 47 -3.52 5.81 23.94
C PHE A 47 -4.44 7.04 23.79
N GLY A 48 -5.53 7.09 24.56
CA GLY A 48 -6.49 8.18 24.41
C GLY A 48 -6.60 8.96 25.71
N TYR A 49 -7.12 10.17 25.63
CA TYR A 49 -7.29 11.08 26.75
C TYR A 49 -8.11 10.39 27.83
N ASP A 50 -9.24 9.81 27.41
CA ASP A 50 -10.10 9.07 28.37
C ASP A 50 -9.71 7.60 28.44
N ALA A 51 -9.33 7.05 27.30
CA ALA A 51 -8.88 5.66 27.21
C ALA A 51 -7.40 5.51 27.56
N GLY A 52 -7.14 5.39 28.86
CA GLY A 52 -5.82 5.26 29.44
C GLY A 52 -5.23 6.48 30.09
N GLY A 53 -5.84 7.65 29.94
CA GLY A 53 -5.35 8.89 30.56
C GLY A 53 -4.15 9.55 29.92
N TRP A 54 -4.04 9.40 28.61
CA TRP A 54 -2.93 9.92 27.88
C TRP A 54 -3.12 11.40 27.73
N ARG A 55 -2.05 12.15 27.98
CA ARG A 55 -2.02 13.63 28.00
C ARG A 55 -0.97 14.22 27.08
N VAL A 56 -1.37 15.19 26.25
CA VAL A 56 -0.42 15.82 25.34
C VAL A 56 0.72 16.44 26.13
N GLU A 57 0.41 16.97 27.31
CA GLU A 57 1.43 17.63 28.10
C GLU A 57 2.35 16.69 28.91
N LYS A 58 2.06 15.41 28.96
CA LYS A 58 2.90 14.45 29.69
C LYS A 58 3.44 13.29 28.86
N HIS A 59 2.84 13.01 27.70
CA HIS A 59 3.09 11.74 27.00
C HIS A 59 3.33 12.04 25.52
N VAL A 60 3.96 11.09 24.82
CA VAL A 60 4.27 11.21 23.37
C VAL A 60 3.64 10.03 22.66
N ARG A 61 2.99 10.26 21.53
CA ARG A 61 2.33 9.24 20.76
C ARG A 61 2.75 9.39 19.30
N LEU A 62 3.30 8.29 18.79
CA LEU A 62 3.92 8.24 17.47
C LEU A 62 3.46 7.01 16.74
N LEU A 63 3.79 6.98 15.46
CA LEU A 63 3.76 5.75 14.68
C LEU A 63 5.16 5.45 14.17
N ALA A 64 5.49 4.17 14.06
CA ALA A 64 6.82 3.70 13.59
C ALA A 64 6.78 2.18 13.36
N ASP A 65 7.57 1.71 12.41
CA ASP A 65 7.75 0.30 12.16
C ASP A 65 8.78 -0.25 13.17
N THR A 66 8.28 -0.96 14.20
CA THR A 66 9.15 -1.53 15.21
C THR A 66 9.49 -3.01 14.97
N THR A 67 9.00 -3.58 13.88
CA THR A 67 9.30 -5.00 13.54
C THR A 67 10.11 -5.24 12.24
N GLY A 68 10.10 -4.29 11.33
CA GLY A 68 10.82 -4.41 10.08
C GLY A 68 10.02 -4.97 8.91
N ASP A 69 8.70 -5.14 9.07
CA ASP A 69 7.82 -5.57 7.99
C ASP A 69 7.19 -4.42 7.18
N ASN A 70 7.64 -3.19 7.37
CA ASN A 70 7.13 -2.00 6.67
C ASN A 70 5.68 -1.68 7.01
N GLN A 71 5.19 -2.27 8.10
CA GLN A 71 3.88 -1.86 8.68
C GLN A 71 4.15 -0.94 9.89
N SER A 72 3.39 0.17 10.00
CA SER A 72 3.56 1.08 11.16
C SER A 72 2.78 0.56 12.36
N ASP A 73 3.46 0.64 13.50
CA ASP A 73 2.94 0.32 14.82
C ASP A 73 2.66 1.60 15.60
N VAL A 74 1.79 1.49 16.57
CA VAL A 74 1.53 2.60 17.46
C VAL A 74 2.44 2.53 18.65
N VAL A 75 3.05 3.64 19.02
CA VAL A 75 4.05 3.73 20.03
C VAL A 75 3.72 4.90 20.94
N GLY A 76 3.62 4.60 22.25
CA GLY A 76 3.34 5.61 23.22
C GLY A 76 4.34 5.62 24.32
N PHE A 77 4.87 6.81 24.59
CA PHE A 77 5.67 7.08 25.74
C PHE A 77 4.72 7.55 26.85
N GLY A 78 4.39 6.63 27.75
CA GLY A 78 3.31 6.75 28.73
C GLY A 78 3.83 7.25 30.07
N GLU A 79 3.10 6.97 31.15
CA GLU A 79 3.48 7.44 32.46
C GLU A 79 4.72 6.70 32.97
N ASN A 80 4.81 5.38 32.72
CA ASN A 80 5.86 4.57 33.31
C ASN A 80 6.69 3.77 32.38
N GLY A 81 6.50 3.99 31.08
CA GLY A 81 7.38 3.38 30.10
C GLY A 81 6.80 3.52 28.70
N VAL A 82 7.36 2.71 27.81
CA VAL A 82 7.03 2.74 26.40
C VAL A 82 6.16 1.56 26.08
N TRP A 83 4.99 1.83 25.49
CA TRP A 83 3.97 0.87 25.11
C TRP A 83 3.86 0.81 23.59
N ILE A 84 3.77 -0.39 23.05
CA ILE A 84 3.59 -0.57 21.62
C ILE A 84 2.41 -1.45 21.34
N SER A 85 1.53 -0.99 20.43
CA SER A 85 0.51 -1.85 19.76
C SER A 85 0.96 -2.15 18.35
N THR A 86 1.32 -3.39 18.06
CA THR A 86 1.81 -3.71 16.75
C THR A 86 0.66 -3.91 15.76
N ASN A 87 0.94 -3.53 14.51
CA ASN A 87 0.05 -3.67 13.36
C ASN A 87 -0.17 -5.14 13.00
N ASN A 88 -1.43 -5.59 12.96
CA ASN A 88 -1.74 -6.97 12.57
C ASN A 88 -1.80 -7.21 11.06
N GLY A 89 -1.62 -6.14 10.27
CA GLY A 89 -1.59 -6.23 8.80
C GLY A 89 -2.93 -6.04 8.09
N ASN A 90 -4.01 -5.98 8.87
CA ASN A 90 -5.41 -5.98 8.37
C ASN A 90 -6.28 -4.88 8.94
N ASN A 91 -5.69 -3.69 9.13
CA ASN A 91 -6.40 -2.56 9.76
C ASN A 91 -6.84 -2.86 11.19
N THR A 92 -6.10 -3.75 11.86
CA THR A 92 -6.23 -4.02 13.30
C THR A 92 -4.81 -3.97 13.93
N PHE A 93 -4.79 -3.66 15.23
CA PHE A 93 -3.60 -3.58 16.04
C PHE A 93 -3.86 -4.38 17.33
N VAL A 94 -2.78 -4.83 17.91
CA VAL A 94 -2.76 -5.52 19.22
C VAL A 94 -3.27 -4.56 20.27
N ASP A 95 -4.15 -5.07 21.14
CA ASP A 95 -4.78 -4.27 22.14
C ASP A 95 -5.17 -5.28 23.23
N PRO A 96 -4.63 -5.11 24.43
CA PRO A 96 -3.78 -4.04 24.92
C PRO A 96 -2.37 -3.95 24.32
N PRO A 97 -1.77 -2.74 24.41
CA PRO A 97 -0.38 -2.59 24.02
C PRO A 97 0.51 -3.35 25.00
N LYS A 98 1.75 -3.53 24.60
CA LYS A 98 2.72 -4.23 25.42
C LYS A 98 3.74 -3.18 25.89
N MET A 99 4.08 -3.22 27.17
CA MET A 99 5.06 -2.28 27.71
C MET A 99 6.44 -2.84 27.47
N VAL A 100 7.24 -2.21 26.60
CA VAL A 100 8.52 -2.78 26.19
C VAL A 100 9.74 -2.28 26.94
N LEU A 101 9.62 -1.15 27.62
CA LEU A 101 10.74 -0.56 28.33
C LEU A 101 10.28 0.44 29.37
N ALA A 102 10.77 0.28 30.62
CA ALA A 102 10.42 1.16 31.72
C ALA A 102 11.38 2.33 31.70
N ASN A 103 11.29 3.16 30.66
CA ASN A 103 12.14 4.32 30.53
C ASN A 103 11.50 5.24 29.49
N PHE A 104 12.17 6.35 29.23
CA PHE A 104 11.68 7.43 28.36
C PHE A 104 10.25 7.91 28.74
N ALA A 105 9.93 7.88 30.04
CA ALA A 105 8.56 8.15 30.49
C ALA A 105 8.55 9.19 31.64
N TYR A 106 7.36 9.73 31.91
CA TYR A 106 7.18 10.78 32.91
C TYR A 106 7.72 10.35 34.25
N ALA A 107 7.32 9.14 34.62
CA ALA A 107 7.69 8.57 35.94
C ALA A 107 8.68 7.41 35.87
N ALA A 108 9.30 7.19 34.70
CA ALA A 108 10.44 6.28 34.53
C ALA A 108 11.46 7.00 33.67
N GLY A 109 12.38 7.70 34.33
CA GLY A 109 13.42 8.50 33.67
C GLY A 109 13.20 9.99 33.81
N GLY A 110 12.04 10.39 34.30
CA GLY A 110 11.82 11.82 34.53
C GLY A 110 11.74 12.60 33.22
N TRP A 111 11.14 11.97 32.20
CA TRP A 111 10.97 12.61 30.89
C TRP A 111 9.84 13.64 30.93
N ARG A 112 10.10 14.78 30.27
CA ARG A 112 9.20 15.92 30.26
C ARG A 112 9.01 16.45 28.83
N VAL A 113 7.75 16.59 28.43
CA VAL A 113 7.40 17.06 27.09
C VAL A 113 7.98 18.49 26.92
N GLU A 114 8.07 19.23 28.01
CA GLU A 114 8.56 20.60 27.92
C GLU A 114 10.07 20.75 28.00
N LYS A 115 10.79 19.65 28.15
CA LYS A 115 12.26 19.72 28.24
C LYS A 115 12.99 18.79 27.27
N HIS A 116 12.32 17.72 26.82
CA HIS A 116 12.98 16.62 26.13
C HIS A 116 12.22 16.26 24.89
N ILE A 117 12.91 15.55 23.99
CA ILE A 117 12.33 15.14 22.70
C ILE A 117 12.43 13.64 22.61
N ARG A 118 11.37 12.98 22.18
CA ARG A 118 11.39 11.55 21.98
C ARG A 118 10.90 11.22 20.56
N PHE A 119 11.76 10.50 19.83
CA PHE A 119 11.48 9.95 18.52
C PHE A 119 11.69 8.43 18.50
N MET A 120 11.16 7.83 17.43
CA MET A 120 11.48 6.49 16.98
C MET A 120 12.13 6.60 15.59
N ALA A 121 13.20 5.82 15.38
CA ALA A 121 14.00 5.97 14.17
C ALA A 121 14.90 4.74 14.02
N ASP A 122 14.97 4.21 12.80
CA ASP A 122 15.84 3.06 12.50
C ASP A 122 17.24 3.63 12.38
N LEU A 123 17.98 3.62 13.49
CA LEU A 123 19.25 4.31 13.49
C LEU A 123 20.45 3.41 13.10
N ARG A 124 20.22 2.11 12.94
CA ARG A 124 21.33 1.16 12.74
C ARG A 124 21.13 0.35 11.47
N LYS A 125 20.23 0.81 10.61
CA LYS A 125 19.84 0.06 9.41
C LYS A 125 19.47 -1.40 9.69
N THR A 126 18.65 -1.63 10.70
CA THR A 126 18.15 -2.97 10.97
C THR A 126 16.80 -3.21 10.29
N GLY A 127 16.20 -2.14 9.78
CA GLY A 127 14.82 -2.16 9.36
C GLY A 127 13.79 -1.86 10.45
N ARG A 128 14.22 -1.78 11.72
CA ARG A 128 13.31 -1.62 12.87
C ARG A 128 13.61 -0.29 13.56
N ALA A 129 12.59 0.40 14.11
CA ALA A 129 12.82 1.67 14.81
C ALA A 129 13.32 1.45 16.24
N ASP A 130 14.46 2.06 16.52
CA ASP A 130 15.01 2.18 17.86
C ASP A 130 14.32 3.38 18.55
N ILE A 131 14.33 3.38 19.88
CA ILE A 131 13.81 4.51 20.66
C ILE A 131 14.95 5.46 20.78
N VAL A 132 14.70 6.74 20.47
CA VAL A 132 15.72 7.77 20.61
C VAL A 132 15.20 8.96 21.35
N GLY A 133 15.94 9.40 22.37
CA GLY A 133 15.53 10.52 23.14
C GLY A 133 16.61 11.52 23.39
N PHE A 134 16.26 12.80 23.20
CA PHE A 134 17.07 13.93 23.59
C PHE A 134 16.65 14.23 25.03
N GLY A 135 17.42 13.74 25.97
CA GLY A 135 17.06 13.84 27.37
C GLY A 135 17.81 14.93 28.12
N ASP A 136 18.15 14.60 29.37
CA ASP A 136 18.94 15.50 30.20
C ASP A 136 20.45 15.36 29.97
N GLY A 137 21.01 14.18 30.23
CA GLY A 137 22.45 13.90 30.04
C GLY A 137 22.98 13.97 28.59
N GLY A 138 22.09 13.82 27.62
CA GLY A 138 22.47 13.84 26.22
C GLY A 138 21.38 13.13 25.45
N ILE A 139 21.80 12.46 24.39
CA ILE A 139 20.97 11.57 23.58
C ILE A 139 21.08 10.15 24.08
N TYR A 140 19.92 9.55 24.37
CA TYR A 140 19.80 8.15 24.75
C TYR A 140 19.11 7.34 23.69
N ILE A 141 19.56 6.12 23.52
CA ILE A 141 18.90 5.18 22.65
C ILE A 141 18.59 3.87 23.37
N SER A 142 17.41 3.29 23.11
CA SER A 142 17.12 1.89 23.40
C SER A 142 17.05 1.09 22.11
N ARG A 143 17.97 0.15 21.99
CA ARG A 143 18.00 -0.70 20.84
C ARG A 143 16.85 -1.65 20.69
N ASN A 144 16.29 -1.67 19.50
CA ASN A 144 15.22 -2.52 19.18
C ASN A 144 15.82 -3.82 18.64
N ASN A 145 15.82 -4.86 19.47
CA ASN A 145 16.51 -6.11 19.12
C ASN A 145 15.58 -7.09 18.47
N GLY A 146 14.38 -6.66 18.14
CA GLY A 146 13.39 -7.51 17.50
C GLY A 146 12.55 -8.25 18.52
N GLY A 147 11.45 -8.82 18.02
CA GLY A 147 10.52 -9.59 18.83
C GLY A 147 10.03 -8.84 20.05
N GLY A 148 9.97 -7.51 19.95
CA GLY A 148 9.46 -6.71 21.05
C GLY A 148 10.48 -6.46 22.12
N GLN A 149 11.72 -6.86 21.87
CA GLN A 149 12.77 -6.75 22.87
C GLN A 149 13.60 -5.50 22.64
N PHE A 150 13.49 -4.56 23.57
CA PHE A 150 14.22 -3.31 23.58
C PHE A 150 15.25 -3.32 24.69
N ALA A 151 16.48 -3.02 24.34
CA ALA A 151 17.58 -3.07 25.30
C ALA A 151 17.54 -1.86 26.26
N PRO A 152 18.08 -2.04 27.48
CA PRO A 152 18.20 -0.89 28.39
C PRO A 152 18.83 0.28 27.65
N ALA A 153 18.34 1.48 27.95
CA ALA A 153 18.80 2.69 27.30
C ALA A 153 20.31 2.92 27.53
N GLN A 154 21.02 3.30 26.48
CA GLN A 154 22.47 3.61 26.51
C GLN A 154 22.66 5.02 25.96
N LEU A 155 23.58 5.77 26.55
CA LEU A 155 23.92 7.09 26.09
C LEU A 155 24.54 6.97 24.69
N ALA A 156 23.91 7.63 23.72
CA ALA A 156 24.41 7.69 22.35
C ALA A 156 25.41 8.79 22.15
N LEU A 157 25.21 9.90 22.87
CA LEU A 157 26.11 11.05 22.82
C LEU A 157 25.76 11.97 23.99
N ASN A 158 26.81 12.50 24.64
CA ASN A 158 26.69 13.43 25.75
C ASN A 158 26.60 14.87 25.22
N ASN A 159 25.66 15.11 24.31
CA ASN A 159 25.40 16.42 23.79
C ASN A 159 23.93 16.41 23.32
N PHE A 160 23.45 17.61 23.01
CA PHE A 160 22.07 17.88 22.54
C PHE A 160 21.02 17.61 23.62
N GLY A 161 21.45 17.64 24.89
CA GLY A 161 20.57 17.39 26.02
C GLY A 161 20.35 18.67 26.79
N TYR A 162 19.40 18.62 27.71
CA TYR A 162 19.06 19.74 28.57
C TYR A 162 20.29 20.21 29.35
N ALA A 163 21.12 19.26 29.79
CA ALA A 163 22.36 19.53 30.54
C ALA A 163 23.32 20.38 29.74
N GLN A 164 23.30 20.20 28.44
CA GLN A 164 24.21 20.93 27.58
C GLN A 164 23.60 22.25 27.13
N GLY A 165 22.46 22.62 27.71
CA GLY A 165 21.86 23.92 27.47
C GLY A 165 20.77 23.98 26.39
N TRP A 166 20.34 22.81 25.91
CA TRP A 166 19.37 22.76 24.78
C TRP A 166 17.94 23.02 25.29
N ARG A 167 17.23 23.93 24.62
CA ARG A 167 15.92 24.43 25.11
C ARG A 167 14.90 24.54 23.98
N LEU A 168 13.71 24.02 24.25
CA LEU A 168 12.69 23.96 23.21
C LEU A 168 12.20 25.36 22.80
N ASP A 169 12.40 26.40 23.62
CA ASP A 169 11.99 27.78 23.27
C ASP A 169 13.10 28.56 22.55
N ARG A 170 14.25 27.95 22.41
CA ARG A 170 15.39 28.59 21.77
C ARG A 170 15.97 27.84 20.57
N HIS A 171 15.92 26.51 20.59
CA HIS A 171 16.73 25.64 19.76
C HIS A 171 15.90 24.58 19.06
N LEU A 172 16.47 24.00 18.02
CA LEU A 172 15.82 22.94 17.23
C LEU A 172 16.72 21.74 17.08
N ARG A 173 16.13 20.54 17.13
CA ARG A 173 16.84 19.26 16.89
C ARG A 173 16.09 18.38 15.88
N PHE A 174 16.87 17.85 14.92
CA PHE A 174 16.38 17.01 13.83
C PHE A 174 17.21 15.73 13.71
N LEU A 175 16.63 14.70 13.11
CA LEU A 175 17.38 13.55 12.56
C LEU A 175 17.24 13.57 11.05
N ALA A 176 18.38 13.56 10.36
CA ALA A 176 18.40 13.59 8.91
C ALA A 176 19.78 13.15 8.39
N ASP A 177 19.78 12.52 7.23
CA ASP A 177 21.02 12.02 6.60
C ASP A 177 21.76 13.20 5.91
N VAL A 178 22.88 13.68 6.49
CA VAL A 178 23.65 14.73 5.82
C VAL A 178 24.90 14.24 5.04
N THR A 179 25.10 12.93 4.90
CA THR A 179 26.30 12.35 4.23
C THR A 179 25.98 11.42 3.06
N GLY A 180 24.80 10.83 3.07
CA GLY A 180 24.34 9.97 1.97
C GLY A 180 24.49 8.48 2.20
N ASP A 181 25.00 8.09 3.37
CA ASP A 181 25.08 6.67 3.70
C ASP A 181 23.77 6.06 4.20
N GLY A 182 22.67 6.83 4.22
CA GLY A 182 21.40 6.32 4.71
C GLY A 182 21.22 6.34 6.23
N LEU A 183 22.23 6.71 7.00
CA LEU A 183 22.09 6.84 8.47
C LEU A 183 21.66 8.26 8.87
N LEU A 184 20.68 8.35 9.77
CA LEU A 184 20.19 9.67 10.18
C LEU A 184 21.16 10.23 11.20
N ASP A 185 21.68 11.40 10.89
CA ASP A 185 22.56 12.15 11.72
C ASP A 185 21.73 13.12 12.58
N VAL A 186 22.33 13.65 13.63
CA VAL A 186 21.69 14.74 14.39
C VAL A 186 22.03 16.01 13.71
N VAL A 187 21.03 16.87 13.50
CA VAL A 187 21.22 18.26 13.12
C VAL A 187 20.57 19.14 14.16
N GLY A 188 21.39 19.99 14.76
CA GLY A 188 20.93 20.79 15.89
C GLY A 188 21.24 22.25 15.71
N PHE A 189 20.19 23.07 15.77
CA PHE A 189 20.27 24.52 15.71
C PHE A 189 20.40 25.02 17.13
N GLY A 190 21.65 25.22 17.56
CA GLY A 190 21.92 25.61 18.93
C GLY A 190 21.84 27.10 19.19
N GLU A 191 22.57 27.49 20.24
CA GLU A 191 22.52 28.87 20.66
C GLU A 191 23.25 29.73 19.65
N ASN A 192 24.43 29.29 19.25
CA ASN A 192 25.29 30.04 18.34
C ASN A 192 25.71 29.35 17.02
N GLN A 193 25.58 28.04 16.91
CA GLN A 193 25.86 27.33 15.67
C GLN A 193 24.82 26.29 15.44
N VAL A 194 24.67 25.98 14.15
CA VAL A 194 24.10 24.72 13.74
C VAL A 194 25.22 23.66 13.85
N TYR A 195 24.92 22.52 14.52
CA TYR A 195 25.83 21.39 14.66
C TYR A 195 25.30 20.14 14.00
N ILE A 196 26.20 19.26 13.56
CA ILE A 196 25.84 17.91 13.24
C ILE A 196 26.60 16.91 14.08
N ALA A 197 25.99 15.78 14.35
CA ALA A 197 26.69 14.69 14.98
C ALA A 197 26.43 13.51 14.09
N ARG A 198 27.51 13.00 13.50
CA ARG A 198 27.45 11.89 12.57
C ARG A 198 27.06 10.56 13.21
N ASN A 199 26.05 9.93 12.65
CA ASN A 199 25.57 8.62 13.09
C ASN A 199 26.58 7.52 12.67
N SER A 200 27.16 6.88 13.67
CA SER A 200 28.16 5.81 13.45
C SER A 200 27.50 4.48 13.12
N GLY A 201 26.16 4.37 13.22
CA GLY A 201 25.44 3.15 12.86
C GLY A 201 25.38 2.07 13.95
N ASN A 202 25.86 2.42 15.14
CA ASN A 202 26.08 1.45 16.20
C ASN A 202 25.47 1.97 17.50
N GLY A 203 24.44 2.82 17.37
CA GLY A 203 23.80 3.33 18.53
C GLY A 203 24.51 4.49 19.16
N THR A 204 25.54 5.03 18.49
CA THR A 204 26.27 6.19 19.00
C THR A 204 26.40 7.22 17.87
N PHE A 205 26.55 8.49 18.26
CA PHE A 205 26.81 9.61 17.33
C PHE A 205 28.14 10.17 17.65
N GLN A 206 28.81 10.69 16.61
CA GLN A 206 30.16 11.22 16.74
C GLN A 206 30.15 12.61 17.35
N PRO A 207 31.31 13.09 17.84
CA PRO A 207 31.31 14.41 18.45
C PRO A 207 30.73 15.51 17.55
N ALA A 208 29.91 16.40 18.14
CA ALA A 208 29.29 17.52 17.41
C ALA A 208 30.31 18.38 16.65
N GLN A 209 29.96 18.71 15.41
CA GLN A 209 30.72 19.65 14.60
C GLN A 209 29.87 20.86 14.26
N ALA A 210 30.34 22.07 14.57
CA ALA A 210 29.70 23.27 14.06
C ALA A 210 29.83 23.39 12.54
N VAL A 211 28.71 23.56 11.82
CA VAL A 211 28.75 23.68 10.36
C VAL A 211 28.30 25.04 9.84
N VAL A 212 27.55 25.82 10.62
CA VAL A 212 27.04 27.12 10.17
C VAL A 212 26.81 28.04 11.34
N ASN A 213 27.28 29.29 11.23
CA ASN A 213 27.14 30.31 12.29
C ASN A 213 25.98 31.22 11.94
N ASN A 214 24.81 30.62 11.82
CA ASN A 214 23.58 31.35 11.51
C ASN A 214 22.42 30.38 11.78
N PHE A 215 21.20 30.84 11.48
CA PHE A 215 19.99 30.05 11.69
C PHE A 215 19.71 29.81 13.16
N CYS A 216 20.27 30.66 14.03
CA CYS A 216 20.19 30.41 15.45
C CYS A 216 19.81 31.69 16.20
N ILE A 217 19.28 31.51 17.38
CA ILE A 217 18.83 32.60 18.21
C ILE A 217 20.00 33.56 18.51
N GLY A 218 21.19 33.02 18.70
CA GLY A 218 22.35 33.82 18.97
C GLY A 218 23.22 34.10 17.75
N ALA A 219 22.90 33.49 16.60
CA ALA A 219 23.58 33.80 15.33
C ALA A 219 22.53 34.04 14.26
N GLY A 220 22.29 35.32 13.99
CA GLY A 220 21.34 35.80 12.99
C GLY A 220 19.98 36.19 13.54
N GLY A 221 19.79 36.04 14.85
CA GLY A 221 18.54 36.46 15.46
C GLY A 221 17.34 35.60 15.03
N TRP A 222 17.55 34.32 14.85
CA TRP A 222 16.47 33.41 14.44
C TRP A 222 15.75 32.95 15.71
N THR A 223 14.46 33.24 15.82
CA THR A 223 13.67 32.84 17.00
C THR A 223 12.65 31.75 16.64
N ILE A 224 12.33 30.96 17.64
CA ILE A 224 11.26 29.97 17.58
C ILE A 224 9.94 30.66 17.32
N SER A 225 9.75 31.86 17.87
CA SER A 225 8.45 32.47 17.73
C SER A 225 8.16 33.08 16.37
N ALA A 226 9.20 33.38 15.58
CA ALA A 226 8.97 34.02 14.29
C ALA A 226 9.61 33.39 13.02
N HIS A 227 10.62 32.53 13.20
CA HIS A 227 11.50 32.12 12.09
C HIS A 227 11.69 30.60 12.07
N PRO A 228 10.68 29.88 11.57
CA PRO A 228 10.86 28.41 11.48
C PRO A 228 11.96 27.95 10.54
N ARG A 229 12.51 26.79 10.85
CA ARG A 229 13.61 26.21 10.09
C ARG A 229 13.32 24.73 9.92
N VAL A 230 13.81 24.23 8.81
CA VAL A 230 13.62 22.85 8.42
C VAL A 230 14.92 22.32 7.83
N VAL A 231 15.05 21.01 7.81
CA VAL A 231 16.12 20.41 7.06
C VAL A 231 15.49 19.48 6.03
N ALA A 232 15.94 19.57 4.78
CA ALA A 232 15.33 18.83 3.67
C ALA A 232 16.28 18.83 2.49
N ASP A 233 16.22 17.78 1.68
CA ASP A 233 17.01 17.70 0.47
C ASP A 233 16.44 18.66 -0.59
N LEU A 234 17.23 19.69 -0.93
CA LEU A 234 16.82 20.68 -1.93
C LEU A 234 17.42 20.45 -3.30
N THR A 235 18.22 19.38 -3.48
CA THR A 235 18.91 19.16 -4.76
C THR A 235 18.72 17.79 -5.39
N GLY A 236 18.31 16.81 -4.60
CA GLY A 236 17.93 15.53 -5.13
C GLY A 236 19.01 14.47 -4.96
N ASP A 237 20.09 14.78 -4.23
CA ASP A 237 21.13 13.79 -3.98
C ASP A 237 20.91 12.94 -2.70
N ARG A 238 19.76 13.16 -2.03
CA ARG A 238 19.34 12.44 -0.82
C ARG A 238 20.00 12.95 0.45
N LYS A 239 20.82 13.97 0.31
CA LYS A 239 21.52 14.59 1.45
C LYS A 239 20.73 15.86 1.87
N ALA A 240 20.53 16.03 3.16
CA ALA A 240 19.74 17.16 3.67
C ALA A 240 20.50 18.51 3.71
N ASP A 241 19.81 19.56 3.27
CA ASP A 241 20.23 20.94 3.35
C ASP A 241 19.46 21.66 4.50
N ILE A 242 19.88 22.88 4.80
CA ILE A 242 19.21 23.74 5.77
C ILE A 242 18.38 24.82 5.04
N LEU A 243 17.15 25.02 5.51
CA LEU A 243 16.27 26.01 4.94
C LEU A 243 15.59 26.73 6.08
N GLY A 244 15.63 28.05 6.04
CA GLY A 244 14.99 28.85 7.09
C GLY A 244 14.05 29.88 6.54
N PHE A 245 12.93 30.08 7.24
CA PHE A 245 11.99 31.15 6.92
C PHE A 245 12.34 32.33 7.85
N GLY A 246 13.09 33.27 7.34
CA GLY A 246 13.62 34.37 8.14
C GLY A 246 12.82 35.65 7.96
N VAL A 247 13.52 36.77 8.08
CA VAL A 247 12.84 38.02 8.02
C VAL A 247 12.63 38.45 6.55
N ALA A 248 13.70 38.55 5.78
CA ALA A 248 13.55 39.03 4.44
C ALA A 248 12.84 37.96 3.54
N GLY A 249 13.00 36.69 3.93
CA GLY A 249 12.40 35.56 3.22
C GLY A 249 13.18 34.33 3.53
N VAL A 250 13.30 33.47 2.51
CA VAL A 250 13.91 32.15 2.68
C VAL A 250 15.41 32.13 2.44
N TYR A 251 16.13 31.67 3.45
CA TYR A 251 17.56 31.50 3.42
C TYR A 251 17.84 30.03 3.42
N THR A 252 18.90 29.65 2.71
CA THR A 252 19.39 28.30 2.74
C THR A 252 20.91 28.24 3.00
N SER A 253 21.35 27.09 3.50
CA SER A 253 22.77 26.69 3.47
C SER A 253 22.76 25.28 2.88
N LEU A 254 23.42 25.15 1.72
CA LEU A 254 23.45 23.90 0.99
C LEU A 254 24.57 23.01 1.46
N ASN A 255 24.22 21.75 1.66
CA ASN A 255 25.17 20.64 1.94
C ASN A 255 26.16 20.48 0.78
N ASN A 256 27.46 20.51 1.09
CA ASN A 256 28.46 20.29 0.08
C ASN A 256 28.45 18.83 -0.45
N GLY A 257 27.77 17.95 0.26
CA GLY A 257 27.65 16.53 -0.10
C GLY A 257 28.29 15.56 0.88
N ASN A 258 29.06 16.09 1.80
CA ASN A 258 29.75 15.29 2.77
C ASN A 258 29.40 15.70 4.21
N GLY A 259 28.32 16.45 4.35
CA GLY A 259 27.86 16.93 5.65
C GLY A 259 28.54 18.18 6.14
N THR A 260 29.36 18.81 5.30
CA THR A 260 29.73 20.21 5.52
C THR A 260 28.85 21.13 4.67
N PHE A 261 28.78 22.40 5.07
CA PHE A 261 27.77 23.30 4.53
C PHE A 261 28.31 24.58 3.92
N GLY A 262 27.59 25.08 2.92
CA GLY A 262 27.91 26.35 2.26
C GLY A 262 27.51 27.59 3.03
N ALA A 263 27.69 28.72 2.37
CA ALA A 263 27.41 30.02 2.96
C ALA A 263 25.90 30.19 2.94
N VAL A 264 25.40 31.09 3.77
CA VAL A 264 23.97 31.31 3.90
C VAL A 264 23.53 32.30 2.80
N ASN A 265 22.51 31.93 2.03
CA ASN A 265 22.04 32.76 0.96
C ASN A 265 20.54 33.02 1.07
N LEU A 266 20.13 34.25 0.80
CA LEU A 266 18.73 34.57 0.62
C LEU A 266 18.30 34.09 -0.78
N VAL A 267 17.45 33.09 -0.84
CA VAL A 267 17.09 32.53 -2.15
C VAL A 267 15.65 32.88 -2.64
N LEU A 268 14.79 33.37 -1.78
CA LEU A 268 13.44 33.78 -2.20
C LEU A 268 12.96 34.90 -1.28
N LYS A 269 12.49 36.00 -1.84
CA LYS A 269 12.03 37.16 -1.04
C LYS A 269 10.51 37.03 -0.73
N ASP A 270 10.09 35.91 -0.11
CA ASP A 270 8.71 35.68 0.32
C ASP A 270 8.77 34.65 1.44
N PHE A 271 7.61 34.35 2.00
CA PHE A 271 7.43 33.44 3.11
C PHE A 271 8.18 33.83 4.40
N GLY A 272 8.70 35.07 4.51
CA GLY A 272 9.30 35.52 5.73
C GLY A 272 8.44 36.57 6.40
N VAL A 273 8.96 37.08 7.50
CA VAL A 273 8.23 38.10 8.32
C VAL A 273 7.90 39.33 7.46
N ASN A 274 8.84 39.74 6.63
CA ASN A 274 8.65 40.96 5.85
C ASN A 274 7.54 40.84 4.85
N SER A 275 7.22 39.61 4.44
CA SER A 275 6.08 39.40 3.57
C SER A 275 4.80 39.08 4.33
N GLY A 276 4.83 39.23 5.67
CA GLY A 276 3.62 39.10 6.50
C GLY A 276 3.35 37.73 7.11
N TRP A 277 4.28 36.82 6.91
CA TRP A 277 4.08 35.44 7.36
C TRP A 277 4.30 35.39 8.88
N ARG A 278 3.46 34.66 9.59
CA ARG A 278 3.45 34.65 11.04
C ARG A 278 3.20 33.22 11.55
N VAL A 279 4.05 32.81 12.50
CA VAL A 279 3.96 31.45 13.05
C VAL A 279 2.56 31.19 13.62
N GLU A 280 1.96 32.23 14.19
CA GLU A 280 0.66 32.10 14.87
C GLU A 280 -0.53 31.98 13.89
N LYS A 281 -0.35 32.42 12.65
CA LYS A 281 -1.39 32.44 11.65
C LYS A 281 -1.22 31.43 10.56
N HIS A 282 0.03 31.03 10.29
CA HIS A 282 0.35 30.37 9.01
C HIS A 282 1.20 29.13 9.24
N VAL A 283 1.13 28.24 8.26
CA VAL A 283 1.90 26.98 8.24
C VAL A 283 2.86 26.99 7.06
N ARG A 284 4.13 26.73 7.32
CA ARG A 284 5.17 26.72 6.26
C ARG A 284 5.92 25.39 6.28
N CYS A 285 5.95 24.77 5.10
CA CYS A 285 6.41 23.38 4.90
C CYS A 285 7.37 23.33 3.71
N VAL A 286 8.19 22.31 3.70
CA VAL A 286 8.97 21.92 2.52
C VAL A 286 8.71 20.45 2.26
N SER A 287 8.29 20.18 1.03
CA SER A 287 7.99 18.82 0.60
C SER A 287 8.11 18.76 -0.91
N SER A 288 8.19 17.55 -1.46
CA SER A 288 8.30 17.38 -2.90
C SER A 288 6.91 17.46 -3.55
N LEU A 289 6.74 18.45 -4.45
CA LEU A 289 5.48 18.62 -5.21
C LEU A 289 5.55 18.26 -6.70
N THR A 290 6.72 17.82 -7.16
CA THR A 290 6.92 17.54 -8.59
C THR A 290 7.76 16.33 -8.78
N ASN A 291 7.94 15.94 -10.06
CA ASN A 291 8.74 14.77 -10.39
C ASN A 291 10.24 14.96 -10.19
N LYS A 292 10.67 16.18 -9.85
CA LYS A 292 12.07 16.44 -9.51
C LYS A 292 12.46 15.84 -8.17
N LYS A 293 11.48 15.56 -7.32
CA LYS A 293 11.72 14.91 -6.03
C LYS A 293 12.74 15.69 -5.19
N VAL A 294 12.51 16.97 -5.06
CA VAL A 294 13.34 17.83 -4.22
C VAL A 294 12.40 18.63 -3.34
N GLY A 295 12.96 19.37 -2.39
CA GLY A 295 12.13 20.21 -1.53
C GLY A 295 11.60 21.47 -2.16
N ASP A 296 10.27 21.48 -2.42
CA ASP A 296 9.53 22.68 -2.76
C ASP A 296 8.94 23.40 -1.52
N ILE A 297 8.57 24.67 -1.68
CA ILE A 297 8.06 25.46 -0.57
C ILE A 297 6.54 25.60 -0.65
N ILE A 298 5.87 25.28 0.45
CA ILE A 298 4.45 25.39 0.59
C ILE A 298 4.15 26.23 1.81
N GLY A 299 3.36 27.27 1.61
CA GLY A 299 2.86 28.09 2.71
C GLY A 299 1.35 28.19 2.71
N PHE A 300 0.73 27.90 3.85
CA PHE A 300 -0.70 28.16 4.09
C PHE A 300 -0.77 29.59 4.67
N GLY A 301 -1.11 30.52 3.81
CA GLY A 301 -1.09 31.95 4.12
C GLY A 301 -2.48 32.46 4.46
N ASP A 302 -2.72 33.71 4.09
CA ASP A 302 -4.03 34.33 4.37
C ASP A 302 -5.08 33.95 3.34
N ALA A 303 -4.81 34.26 2.08
CA ALA A 303 -5.74 34.08 0.98
C ALA A 303 -5.82 32.63 0.51
N GLY A 304 -4.89 31.79 0.98
CA GLY A 304 -4.87 30.43 0.49
C GLY A 304 -3.49 29.79 0.60
N VAL A 305 -3.27 28.79 -0.23
CA VAL A 305 -2.00 28.03 -0.20
C VAL A 305 -1.08 28.60 -1.26
N TYR A 306 0.12 28.97 -0.87
CA TYR A 306 1.16 29.46 -1.79
C TYR A 306 2.30 28.48 -1.98
N VAL A 307 2.79 28.37 -3.21
CA VAL A 307 3.86 27.45 -3.52
C VAL A 307 4.94 28.10 -4.37
N ALA A 308 6.20 27.81 -4.06
CA ALA A 308 7.33 28.15 -4.86
C ALA A 308 8.04 26.85 -5.16
N LEU A 309 8.19 26.55 -6.44
CA LEU A 309 8.82 25.30 -6.88
C LEU A 309 10.34 25.40 -7.03
N ASN A 310 11.00 24.42 -6.45
CA ASN A 310 12.42 24.23 -6.55
C ASN A 310 12.79 23.86 -8.02
N ASN A 311 13.77 24.57 -8.55
CA ASN A 311 14.24 24.30 -9.91
C ASN A 311 15.00 22.99 -10.00
N GLY A 312 15.38 22.41 -8.85
CA GLY A 312 16.08 21.14 -8.79
C GLY A 312 17.46 21.31 -8.14
N ASN A 313 17.83 22.55 -7.92
CA ASN A 313 19.14 22.91 -7.35
C ASN A 313 19.10 23.82 -6.12
N GLY A 314 17.92 23.98 -5.51
CA GLY A 314 17.73 24.84 -4.37
C GLY A 314 17.43 26.30 -4.65
N THR A 315 17.34 26.68 -5.94
CA THR A 315 16.83 27.99 -6.31
C THR A 315 15.37 27.69 -6.67
N PHE A 316 14.57 28.75 -6.64
CA PHE A 316 13.12 28.68 -6.65
C PHE A 316 12.48 29.59 -7.70
N GLY A 317 11.43 29.05 -8.30
CA GLY A 317 10.54 29.79 -9.16
C GLY A 317 9.65 30.73 -8.38
N PRO A 318 8.75 31.41 -9.09
CA PRO A 318 7.95 32.45 -8.45
C PRO A 318 6.86 31.83 -7.56
N VAL A 319 6.43 32.60 -6.57
CA VAL A 319 5.39 32.16 -5.64
C VAL A 319 4.04 32.22 -6.38
N LYS A 320 3.27 31.14 -6.36
CA LYS A 320 1.92 31.14 -6.94
C LYS A 320 0.88 30.73 -5.89
N ARG A 321 -0.27 31.42 -5.85
CA ARG A 321 -1.37 30.95 -5.02
C ARG A 321 -2.09 29.81 -5.71
N VAL A 322 -1.94 28.60 -5.20
CA VAL A 322 -2.41 27.39 -5.93
C VAL A 322 -3.81 26.87 -5.54
N ILE A 323 -4.27 27.27 -4.36
CA ILE A 323 -5.62 26.95 -3.87
C ILE A 323 -6.12 28.13 -3.05
N ASP A 324 -7.34 28.59 -3.34
CA ASP A 324 -7.94 29.63 -2.53
C ASP A 324 -8.68 29.02 -1.35
N ASN A 325 -7.96 28.33 -0.46
CA ASN A 325 -8.56 27.66 0.66
C ASN A 325 -7.44 27.17 1.58
N PHE A 326 -7.82 26.64 2.73
CA PHE A 326 -6.89 26.23 3.77
C PHE A 326 -6.13 27.39 4.42
N GLY A 327 -6.51 28.63 4.10
CA GLY A 327 -5.84 29.79 4.64
C GLY A 327 -6.50 30.46 5.82
N TYR A 328 -5.75 31.35 6.44
CA TYR A 328 -6.26 32.07 7.58
C TYR A 328 -7.57 32.79 7.22
N ASN A 329 -7.63 33.40 6.04
CA ASN A 329 -8.89 34.05 5.59
C ASN A 329 -10.10 33.13 5.42
N GLN A 330 -9.86 31.83 5.14
CA GLN A 330 -10.94 30.85 5.07
C GLN A 330 -11.27 30.24 6.44
N GLY A 331 -10.73 30.82 7.51
CA GLY A 331 -11.06 30.43 8.85
C GLY A 331 -10.20 29.33 9.49
N TRP A 332 -9.17 28.93 8.78
CA TRP A 332 -8.24 27.91 9.28
C TRP A 332 -7.27 28.50 10.28
N ARG A 333 -7.08 27.81 11.40
CA ARG A 333 -6.34 28.29 12.55
C ARG A 333 -5.29 27.24 12.96
N VAL A 334 -4.11 27.71 13.30
CA VAL A 334 -2.96 26.86 13.63
C VAL A 334 -3.32 26.05 14.88
N ASP A 335 -4.02 26.70 15.81
CA ASP A 335 -4.40 26.10 17.09
C ASP A 335 -5.61 25.20 17.04
N LYS A 336 -6.24 25.04 15.86
CA LYS A 336 -7.43 24.22 15.74
C LYS A 336 -7.46 23.22 14.63
N HIS A 337 -6.73 23.46 13.52
CA HIS A 337 -6.98 22.72 12.28
C HIS A 337 -5.64 22.24 11.69
N PRO A 338 -5.16 21.07 12.13
CA PRO A 338 -3.93 20.49 11.53
C PRO A 338 -3.97 20.41 9.99
N ARG A 339 -2.88 20.85 9.36
CA ARG A 339 -2.69 20.80 7.94
C ARG A 339 -1.33 20.17 7.65
N PHE A 340 -1.34 19.27 6.68
CA PHE A 340 -0.17 18.49 6.25
C PHE A 340 0.00 18.50 4.73
N VAL A 341 1.26 18.42 4.33
CA VAL A 341 1.60 18.26 2.97
C VAL A 341 2.24 16.90 2.85
N VAL A 342 1.56 15.98 2.19
CA VAL A 342 1.97 14.55 2.13
C VAL A 342 1.34 13.92 0.87
N ASP A 343 2.02 12.91 0.32
CA ASP A 343 1.46 12.19 -0.80
C ASP A 343 0.31 11.29 -0.31
N LEU A 344 -0.87 11.54 -0.85
CA LEU A 344 -2.07 10.75 -0.60
C LEU A 344 -2.48 9.93 -1.81
N THR A 345 -1.74 10.03 -2.91
CA THR A 345 -2.22 9.47 -4.20
C THR A 345 -1.23 8.54 -4.87
N GLY A 346 0.00 8.49 -4.38
CA GLY A 346 1.00 7.54 -4.82
C GLY A 346 1.86 7.99 -6.03
N ASP A 347 1.65 9.22 -6.50
CA ASP A 347 2.42 9.75 -7.64
C ASP A 347 3.76 10.42 -7.31
N GLY A 348 4.13 10.50 -6.04
CA GLY A 348 5.36 11.21 -5.67
C GLY A 348 5.27 12.71 -5.52
N CYS A 349 4.10 13.31 -5.76
CA CYS A 349 3.90 14.76 -5.71
C CYS A 349 2.96 14.99 -4.53
N ALA A 350 3.44 15.66 -3.50
CA ALA A 350 2.69 15.76 -2.29
C ALA A 350 1.40 16.55 -2.48
N ASP A 351 0.40 16.08 -1.77
CA ASP A 351 -0.93 16.67 -1.71
C ASP A 351 -1.14 17.43 -0.41
N ILE A 352 -2.35 17.99 -0.23
CA ILE A 352 -2.73 18.70 0.98
C ILE A 352 -3.91 18.03 1.67
N VAL A 353 -3.78 17.84 2.99
CA VAL A 353 -4.91 17.42 3.81
C VAL A 353 -5.00 18.35 5.01
N GLY A 354 -6.24 18.68 5.36
CA GLY A 354 -6.52 19.58 6.47
C GLY A 354 -7.72 19.12 7.29
N PHE A 355 -7.51 19.02 8.60
CA PHE A 355 -8.52 18.62 9.57
C PHE A 355 -9.25 19.92 9.99
N GLY A 356 -10.36 20.19 9.31
CA GLY A 356 -11.06 21.47 9.43
C GLY A 356 -11.99 21.52 10.63
N GLU A 357 -12.84 22.54 10.66
CA GLU A 357 -13.76 22.71 11.79
C GLU A 357 -14.81 21.61 11.82
N ASN A 358 -15.29 21.25 10.63
CA ASN A 358 -16.31 20.25 10.51
C ASN A 358 -15.87 19.02 9.76
N SER A 359 -15.03 19.18 8.74
CA SER A 359 -14.68 18.01 7.93
C SER A 359 -13.17 17.95 7.67
N VAL A 360 -12.69 16.75 7.34
CA VAL A 360 -11.37 16.57 6.78
C VAL A 360 -11.47 16.81 5.28
N TRP A 361 -10.59 17.68 4.82
CA TRP A 361 -10.50 18.05 3.40
C TRP A 361 -9.14 17.71 2.82
N ALA A 362 -9.15 17.37 1.54
CA ALA A 362 -7.92 17.17 0.79
C ALA A 362 -7.98 17.93 -0.56
N CYS A 363 -6.81 18.19 -1.09
CA CYS A 363 -6.67 18.88 -2.36
C CYS A 363 -5.48 18.25 -3.00
N MET A 364 -5.67 17.65 -4.16
CA MET A 364 -4.64 16.81 -4.72
C MET A 364 -3.84 17.55 -5.76
N ASN A 365 -2.54 17.33 -5.70
CA ASN A 365 -1.59 17.83 -6.68
C ASN A 365 -1.89 17.19 -8.03
N LYS A 366 -1.87 17.98 -9.09
CA LYS A 366 -2.04 17.43 -10.46
C LYS A 366 -0.82 16.68 -11.00
N GLY A 367 0.30 16.79 -10.29
CA GLY A 367 1.53 16.10 -10.63
C GLY A 367 2.68 17.05 -10.99
N ASP A 368 2.37 18.33 -11.05
CA ASP A 368 3.26 19.37 -11.50
C ASP A 368 3.34 20.58 -10.55
N GLY A 369 2.83 20.39 -9.34
CA GLY A 369 2.84 21.42 -8.33
C GLY A 369 1.70 22.41 -8.43
N THR A 370 0.69 22.11 -9.26
CA THR A 370 -0.57 22.86 -9.32
C THR A 370 -1.61 21.91 -8.74
N PHE A 371 -2.79 22.40 -8.41
CA PHE A 371 -3.72 21.58 -7.61
C PHE A 371 -5.16 21.57 -8.15
N GLY A 372 -5.85 20.48 -7.87
CA GLY A 372 -7.26 20.33 -8.18
C GLY A 372 -8.16 21.03 -7.17
N PRO A 373 -9.48 20.75 -7.23
CA PRO A 373 -10.40 21.39 -6.31
C PRO A 373 -10.32 20.71 -4.96
N ILE A 374 -10.85 21.40 -3.95
CA ILE A 374 -10.97 20.85 -2.61
C ILE A 374 -11.96 19.65 -2.59
N MET A 375 -11.61 18.58 -1.85
CA MET A 375 -12.49 17.42 -1.72
C MET A 375 -12.77 17.09 -0.25
N LYS A 376 -14.04 16.97 0.06
CA LYS A 376 -14.42 16.59 1.40
C LYS A 376 -14.14 15.09 1.60
N LEU A 377 -13.39 14.72 2.63
CA LEU A 377 -13.07 13.30 2.87
C LEU A 377 -14.11 12.68 3.82
N ILE A 378 -14.28 13.29 4.98
CA ILE A 378 -15.14 12.71 5.99
C ILE A 378 -15.40 13.75 7.04
N ASP A 379 -16.54 13.60 7.70
CA ASP A 379 -16.97 14.48 8.75
C ASP A 379 -16.64 13.86 10.11
N ASP A 380 -15.34 13.86 10.46
CA ASP A 380 -14.90 13.26 11.71
C ASP A 380 -13.43 13.69 11.93
N MET A 381 -12.92 13.52 13.15
CA MET A 381 -11.53 13.91 13.47
C MET A 381 -11.32 15.40 13.35
N THR A 382 -12.38 16.13 13.72
CA THR A 382 -12.49 17.59 13.61
C THR A 382 -12.91 18.24 14.92
N VAL A 383 -12.75 19.56 15.02
CA VAL A 383 -13.24 20.33 16.19
C VAL A 383 -14.70 19.98 16.55
N SER A 384 -15.57 20.00 15.55
CA SER A 384 -16.99 19.86 15.82
C SER A 384 -17.35 18.44 16.27
N LYS A 385 -16.47 17.47 16.03
CA LYS A 385 -16.66 16.11 16.55
C LYS A 385 -15.82 15.84 17.77
N GLY A 386 -15.39 16.91 18.42
CA GLY A 386 -14.70 16.86 19.69
C GLY A 386 -13.19 16.64 19.68
N TRP A 387 -12.51 16.90 18.57
CA TRP A 387 -11.04 16.77 18.52
C TRP A 387 -10.38 18.12 18.60
N THR A 388 -9.61 18.34 19.66
CA THR A 388 -8.87 19.54 19.90
C THR A 388 -7.39 19.24 19.96
N LEU A 389 -6.60 20.27 19.74
CA LEU A 389 -5.13 20.16 19.82
C LEU A 389 -4.67 19.83 21.18
N GLN A 390 -5.39 20.32 22.19
CA GLN A 390 -5.01 20.10 23.56
C GLN A 390 -5.28 18.67 24.05
N LYS A 391 -6.21 17.93 23.47
CA LYS A 391 -6.52 16.60 23.97
C LYS A 391 -6.34 15.44 22.98
N THR A 392 -5.98 15.75 21.73
CA THR A 392 -5.88 14.73 20.70
C THR A 392 -4.64 15.00 19.87
N VAL A 393 -4.19 13.95 19.20
CA VAL A 393 -3.03 14.00 18.30
C VAL A 393 -3.41 13.43 16.95
N ARG A 394 -3.10 14.16 15.88
CA ARG A 394 -3.49 13.76 14.56
C ARG A 394 -2.28 13.78 13.64
N TYR A 395 -2.10 12.71 12.86
CA TYR A 395 -1.00 12.54 11.91
C TYR A 395 -1.50 12.03 10.55
N ALA A 396 -0.77 12.37 9.50
CA ALA A 396 -0.66 11.54 8.33
C ALA A 396 0.47 10.53 8.55
N ALA A 397 0.26 9.30 8.11
CA ALA A 397 1.20 8.22 8.39
C ALA A 397 0.98 7.13 7.42
N ASN A 398 2.06 6.51 6.96
CA ASN A 398 1.94 5.34 6.09
C ASN A 398 1.82 4.06 6.95
N LEU A 399 0.62 3.57 7.20
CA LEU A 399 0.43 2.35 8.05
C LEU A 399 0.97 1.14 7.36
N TYR A 400 0.87 1.16 6.02
CA TYR A 400 1.34 0.16 5.09
C TYR A 400 1.76 0.97 3.86
N LEU A 401 2.22 0.30 2.86
CA LEU A 401 2.85 0.92 1.68
C LEU A 401 1.87 1.35 0.60
N SER B 1 1.75 -20.47 1.68
CA SER B 1 1.23 -19.59 0.58
C SER B 1 -0.24 -19.81 0.22
N VAL B 2 -0.94 -18.68 0.10
CA VAL B 2 -2.37 -18.59 -0.16
C VAL B 2 -2.62 -18.19 -1.63
N VAL B 3 -1.53 -18.02 -2.37
CA VAL B 3 -1.61 -17.67 -3.78
C VAL B 3 -2.27 -18.83 -4.55
N VAL B 4 -3.38 -18.54 -5.25
CA VAL B 4 -3.90 -19.47 -6.26
C VAL B 4 -4.03 -18.77 -7.63
N ILE B 5 -3.56 -19.44 -8.68
CA ILE B 5 -3.63 -18.94 -10.04
C ILE B 5 -4.62 -19.81 -10.81
N SER B 6 -5.64 -19.22 -11.40
CA SER B 6 -6.61 -19.98 -12.18
C SER B 6 -6.69 -19.40 -13.60
N GLN B 7 -7.34 -20.16 -14.49
CA GLN B 7 -7.57 -19.65 -15.82
C GLN B 7 -8.48 -18.42 -15.79
N ALA B 8 -9.55 -18.47 -14.97
CA ALA B 8 -10.51 -17.39 -14.78
C ALA B 8 -9.88 -16.18 -14.14
N LEU B 9 -9.05 -16.39 -13.12
CA LEU B 9 -8.39 -15.32 -12.36
C LEU B 9 -6.87 -15.54 -12.38
N PRO B 10 -6.22 -15.23 -13.52
CA PRO B 10 -4.78 -15.46 -13.60
C PRO B 10 -3.94 -14.43 -12.79
N VAL B 11 -4.58 -13.35 -12.32
CA VAL B 11 -3.92 -12.28 -11.56
C VAL B 11 -4.41 -12.35 -10.13
N PRO B 12 -3.68 -13.08 -9.29
CA PRO B 12 -4.16 -13.25 -7.94
C PRO B 12 -4.14 -11.90 -7.20
N THR B 13 -5.02 -11.75 -6.23
CA THR B 13 -4.98 -10.54 -5.40
C THR B 13 -4.77 -10.87 -3.91
N ARG B 14 -4.27 -9.88 -3.14
CA ARG B 14 -3.91 -10.10 -1.76
C ARG B 14 -5.06 -9.91 -0.80
N ILE B 15 -5.02 -10.70 0.29
CA ILE B 15 -5.95 -10.62 1.41
C ILE B 15 -5.14 -10.66 2.67
N PRO B 16 -5.07 -9.55 3.41
CA PRO B 16 -5.68 -8.26 3.22
C PRO B 16 -4.98 -7.47 2.10
N GLY B 17 -5.74 -6.57 1.49
CA GLY B 17 -5.15 -5.71 0.48
C GLY B 17 -6.07 -4.61 0.06
N VAL B 18 -5.51 -3.69 -0.72
CA VAL B 18 -6.26 -2.56 -1.26
C VAL B 18 -5.99 -2.54 -2.78
N ALA B 19 -6.71 -3.43 -3.49
CA ALA B 19 -6.46 -3.69 -4.88
C ALA B 19 -6.78 -2.50 -5.75
N ASP B 20 -5.98 -2.37 -6.78
CA ASP B 20 -6.14 -1.37 -7.80
C ASP B 20 -6.93 -1.96 -8.96
N LEU B 21 -7.37 -1.11 -9.88
CA LEU B 21 -8.03 -1.57 -11.11
C LEU B 21 -7.14 -1.23 -12.30
N VAL B 22 -6.96 -2.20 -13.16
CA VAL B 22 -6.12 -2.06 -14.34
C VAL B 22 -6.93 -2.37 -15.58
N GLY B 23 -6.80 -1.51 -16.60
CA GLY B 23 -7.50 -1.71 -17.83
C GLY B 23 -6.55 -1.68 -19.01
N PHE B 24 -6.56 -2.75 -19.82
CA PHE B 24 -5.90 -2.77 -21.12
C PHE B 24 -6.95 -2.36 -22.16
N GLY B 25 -6.97 -1.06 -22.45
CA GLY B 25 -7.94 -0.46 -23.35
C GLY B 25 -7.48 -0.37 -24.79
N ASN B 26 -8.32 0.26 -25.61
CA ASN B 26 -7.95 0.49 -26.98
C ASN B 26 -6.62 1.25 -27.02
N GLY B 27 -6.53 2.30 -26.22
CA GLY B 27 -5.39 3.26 -26.23
C GLY B 27 -4.11 2.83 -25.54
N GLY B 28 -4.15 1.74 -24.76
CA GLY B 28 -3.00 1.32 -23.99
C GLY B 28 -3.42 0.90 -22.58
N VAL B 29 -2.49 1.04 -21.61
CA VAL B 29 -2.73 0.65 -20.18
C VAL B 29 -3.15 1.80 -19.31
N TYR B 30 -4.25 1.60 -18.60
CA TYR B 30 -4.78 2.60 -17.68
C TYR B 30 -4.92 2.03 -16.31
N ILE B 31 -4.73 2.86 -15.29
CA ILE B 31 -4.91 2.38 -13.93
C ILE B 31 -5.85 3.27 -13.14
N ILE B 32 -6.58 2.66 -12.20
CA ILE B 32 -7.25 3.37 -11.14
C ILE B 32 -6.58 2.94 -9.85
N ARG B 33 -5.68 3.77 -9.35
CA ARG B 33 -5.03 3.53 -8.07
C ARG B 33 -6.05 3.61 -6.93
N ASN B 34 -5.99 2.62 -6.03
CA ASN B 34 -6.91 2.53 -4.88
C ASN B 34 -6.41 3.54 -3.82
N SER B 35 -7.14 4.61 -3.68
CA SER B 35 -6.73 5.72 -2.83
C SER B 35 -7.87 6.72 -2.71
N LEU B 36 -7.59 7.77 -1.93
CA LEU B 36 -8.50 8.88 -1.75
C LEU B 36 -8.82 9.67 -3.03
N LEU B 37 -7.98 9.59 -4.06
CA LEU B 37 -8.27 10.24 -5.36
C LEU B 37 -8.60 9.14 -6.35
N ILE B 38 -9.85 9.07 -6.78
CA ILE B 38 -10.26 8.06 -7.74
C ILE B 38 -10.24 8.71 -9.11
N GLN B 39 -9.35 8.23 -9.96
CA GLN B 39 -9.19 8.77 -11.28
C GLN B 39 -8.56 7.73 -12.17
N VAL B 40 -8.68 7.91 -13.47
CA VAL B 40 -8.01 7.01 -14.41
C VAL B 40 -6.69 7.68 -14.86
N VAL B 41 -5.59 6.96 -14.77
CA VAL B 41 -4.30 7.42 -15.24
C VAL B 41 -3.81 6.49 -16.35
N LYS B 42 -3.48 7.06 -17.51
CA LYS B 42 -2.90 6.30 -18.59
C LYS B 42 -1.41 6.14 -18.32
N VAL B 43 -0.92 4.89 -18.32
CA VAL B 43 0.51 4.62 -17.99
C VAL B 43 1.38 4.05 -19.11
N ILE B 44 0.77 3.41 -20.09
CA ILE B 44 1.55 2.81 -21.16
C ILE B 44 0.83 2.91 -22.48
N ASN B 45 1.54 3.43 -23.50
CA ASN B 45 0.98 3.57 -24.85
C ASN B 45 1.24 2.29 -25.60
N ASN B 46 0.83 1.17 -25.03
CA ASN B 46 1.10 -0.14 -25.61
C ASN B 46 0.22 -1.13 -24.87
N PHE B 47 0.28 -2.39 -25.29
CA PHE B 47 -0.56 -3.46 -24.73
C PHE B 47 -2.04 -3.24 -24.96
N GLY B 48 -2.38 -2.45 -25.99
CA GLY B 48 -3.78 -2.12 -26.27
C GLY B 48 -4.23 -2.57 -27.65
N TYR B 49 -5.54 -2.51 -27.91
CA TYR B 49 -6.08 -3.01 -29.15
C TYR B 49 -5.46 -2.19 -30.27
N ASP B 50 -5.55 -0.87 -30.13
CA ASP B 50 -4.99 -0.01 -31.18
C ASP B 50 -3.53 0.34 -30.91
N ALA B 51 -3.20 0.58 -29.64
CA ALA B 51 -1.81 0.78 -29.23
C ALA B 51 -1.01 -0.50 -29.14
N GLY B 52 -0.52 -0.96 -30.29
CA GLY B 52 0.34 -2.13 -30.35
C GLY B 52 -0.30 -3.34 -31.02
N GLY B 53 -1.59 -3.24 -31.31
CA GLY B 53 -2.30 -4.30 -32.03
C GLY B 53 -2.56 -5.56 -31.24
N TRP B 54 -2.82 -5.39 -29.95
CA TRP B 54 -3.01 -6.54 -29.04
C TRP B 54 -4.43 -7.08 -29.20
N ARG B 55 -4.56 -8.39 -29.17
CA ARG B 55 -5.83 -9.07 -29.43
C ARG B 55 -6.05 -10.17 -28.39
N VAL B 56 -7.27 -10.24 -27.88
CA VAL B 56 -7.62 -11.28 -26.88
C VAL B 56 -7.44 -12.67 -27.47
N GLU B 57 -7.65 -12.82 -28.79
CA GLU B 57 -7.57 -14.13 -29.38
C GLU B 57 -6.16 -14.56 -29.78
N LYS B 58 -5.17 -13.69 -29.57
CA LYS B 58 -3.76 -13.96 -29.92
C LYS B 58 -2.71 -13.74 -28.81
N HIS B 59 -3.04 -12.92 -27.82
CA HIS B 59 -2.07 -12.43 -26.87
C HIS B 59 -2.66 -12.51 -25.45
N VAL B 60 -1.76 -12.49 -24.48
CA VAL B 60 -2.13 -12.65 -23.07
C VAL B 60 -1.52 -11.46 -22.33
N ARG B 61 -2.33 -10.79 -21.52
CA ARG B 61 -1.88 -9.59 -20.79
C ARG B 61 -2.18 -9.76 -19.30
N LEU B 62 -1.14 -9.58 -18.49
CA LEU B 62 -1.20 -9.87 -17.07
C LEU B 62 -0.46 -8.80 -16.27
N LEU B 63 -0.59 -8.92 -14.95
CA LEU B 63 0.22 -8.16 -13.98
C LEU B 63 0.90 -9.16 -13.09
N ALA B 64 2.14 -8.88 -12.73
CA ALA B 64 2.96 -9.74 -11.90
C ALA B 64 4.22 -8.99 -11.45
N ASP B 65 4.69 -9.34 -10.26
CA ASP B 65 5.93 -8.77 -9.71
C ASP B 65 7.11 -9.55 -10.29
N THR B 66 7.77 -8.92 -11.26
CA THR B 66 8.88 -9.57 -11.97
C THR B 66 10.28 -9.19 -11.45
N THR B 67 10.32 -8.38 -10.40
CA THR B 67 11.61 -7.96 -9.79
C THR B 67 11.73 -8.34 -8.30
N GLY B 68 10.61 -8.58 -7.62
CA GLY B 68 10.61 -8.93 -6.20
C GLY B 68 10.57 -7.77 -5.20
N ASP B 69 10.26 -6.56 -5.70
CA ASP B 69 10.07 -5.41 -4.83
C ASP B 69 8.61 -5.22 -4.37
N ASN B 70 7.75 -6.20 -4.65
CA ASN B 70 6.33 -6.15 -4.24
C ASN B 70 5.48 -5.11 -4.98
N GLN B 71 6.00 -4.61 -6.09
CA GLN B 71 5.23 -3.86 -7.07
C GLN B 71 4.97 -4.73 -8.28
N SER B 72 3.75 -4.66 -8.81
CA SER B 72 3.37 -5.40 -10.01
C SER B 72 3.77 -4.66 -11.25
N ASP B 73 4.30 -5.44 -12.18
CA ASP B 73 4.64 -4.97 -13.51
C ASP B 73 3.64 -5.50 -14.51
N VAL B 74 3.62 -4.87 -15.68
CA VAL B 74 2.73 -5.23 -16.78
C VAL B 74 3.49 -6.23 -17.61
N VAL B 75 2.84 -7.36 -17.88
CA VAL B 75 3.46 -8.41 -18.63
C VAL B 75 2.56 -8.77 -19.83
N GLY B 76 3.14 -8.75 -21.05
CA GLY B 76 2.39 -9.14 -22.26
C GLY B 76 3.09 -10.22 -23.08
N PHE B 77 2.33 -11.28 -23.36
CA PHE B 77 2.72 -12.32 -24.30
C PHE B 77 2.18 -11.84 -25.65
N GLY B 78 3.07 -11.24 -26.44
CA GLY B 78 2.65 -10.58 -27.66
C GLY B 78 2.85 -11.50 -28.86
N GLU B 79 3.12 -10.88 -29.99
CA GLU B 79 3.31 -11.64 -31.22
C GLU B 79 4.62 -12.40 -31.29
N ASN B 80 5.73 -11.81 -30.85
CA ASN B 80 7.05 -12.48 -31.01
C ASN B 80 7.85 -12.72 -29.71
N GLY B 81 7.22 -12.46 -28.58
CA GLY B 81 7.89 -12.70 -27.32
C GLY B 81 7.15 -12.08 -26.16
N VAL B 82 7.79 -12.16 -25.00
CA VAL B 82 7.23 -11.63 -23.76
C VAL B 82 7.79 -10.24 -23.50
N TRP B 83 6.87 -9.27 -23.36
CA TRP B 83 7.18 -7.85 -23.16
C TRP B 83 6.83 -7.41 -21.73
N ILE B 84 7.75 -6.70 -21.06
CA ILE B 84 7.49 -6.24 -19.70
C ILE B 84 7.72 -4.75 -19.52
N SER B 85 6.70 -4.08 -18.97
CA SER B 85 6.79 -2.72 -18.43
C SER B 85 6.82 -2.78 -16.90
N THR B 86 7.98 -2.48 -16.34
CA THR B 86 8.16 -2.56 -14.91
C THR B 86 7.63 -1.25 -14.28
N ASN B 87 7.24 -1.38 -13.01
CA ASN B 87 6.59 -0.36 -12.23
C ASN B 87 7.71 0.53 -11.68
N ASN B 88 7.59 1.81 -11.95
CA ASN B 88 8.55 2.82 -11.44
C ASN B 88 8.36 3.16 -9.99
N GLY B 89 7.24 2.72 -9.41
CA GLY B 89 6.99 2.86 -7.98
C GLY B 89 6.07 4.08 -7.69
N ASN B 90 5.75 4.88 -8.71
CA ASN B 90 5.07 6.17 -8.53
C ASN B 90 3.86 6.38 -9.48
N ASN B 91 3.06 5.33 -9.71
CA ASN B 91 1.99 5.33 -10.70
C ASN B 91 2.47 5.66 -12.13
N THR B 92 3.73 5.32 -12.44
CA THR B 92 4.22 5.25 -13.83
C THR B 92 4.90 3.91 -14.06
N PHE B 93 4.99 3.52 -15.34
CA PHE B 93 5.64 2.30 -15.77
C PHE B 93 6.58 2.64 -16.95
N VAL B 94 7.57 1.79 -17.12
CA VAL B 94 8.49 1.85 -18.28
C VAL B 94 7.71 1.70 -19.58
N ASP B 95 7.91 2.66 -20.50
CA ASP B 95 7.27 2.72 -21.81
C ASP B 95 8.35 3.25 -22.79
N PRO B 96 8.77 2.44 -23.77
CA PRO B 96 8.19 1.20 -24.16
C PRO B 96 8.63 0.02 -23.32
N PRO B 97 7.83 -1.05 -23.31
CA PRO B 97 8.27 -2.24 -22.63
C PRO B 97 9.49 -2.86 -23.26
N LYS B 98 10.07 -3.79 -22.53
CA LYS B 98 11.30 -4.42 -22.89
C LYS B 98 10.95 -5.91 -23.18
N MET B 99 11.41 -6.41 -24.33
CA MET B 99 11.18 -7.80 -24.74
C MET B 99 12.18 -8.76 -24.06
N VAL B 100 11.74 -9.50 -23.05
CA VAL B 100 12.62 -10.30 -22.20
C VAL B 100 12.85 -11.76 -22.68
N LEU B 101 12.00 -12.24 -23.58
CA LEU B 101 12.12 -13.63 -24.06
C LEU B 101 11.33 -13.82 -25.35
N ALA B 102 12.04 -14.23 -26.41
CA ALA B 102 11.40 -14.57 -27.68
C ALA B 102 10.81 -15.99 -27.62
N ASN B 103 9.74 -16.14 -26.85
CA ASN B 103 9.09 -17.41 -26.66
C ASN B 103 7.69 -17.17 -26.07
N PHE B 104 6.95 -18.24 -25.90
CA PHE B 104 5.58 -18.17 -25.33
C PHE B 104 4.69 -17.20 -26.11
N ALA B 105 4.94 -17.08 -27.43
CA ALA B 105 4.22 -16.10 -28.24
C ALA B 105 3.64 -16.70 -29.51
N TYR B 106 2.72 -15.96 -30.10
CA TYR B 106 1.98 -16.41 -31.28
C TYR B 106 2.92 -16.86 -32.41
N ALA B 107 4.00 -16.09 -32.58
CA ALA B 107 4.96 -16.35 -33.68
C ALA B 107 6.34 -16.58 -33.12
N ALA B 108 6.42 -16.98 -31.85
CA ALA B 108 7.65 -17.48 -31.26
C ALA B 108 7.26 -18.61 -30.32
N GLY B 109 7.38 -19.83 -30.83
CA GLY B 109 6.89 -21.01 -30.18
C GLY B 109 5.49 -21.46 -30.56
N GLY B 110 4.74 -20.70 -31.35
CA GLY B 110 3.42 -21.15 -31.84
C GLY B 110 2.37 -21.28 -30.74
N TRP B 111 2.46 -20.40 -29.75
CA TRP B 111 1.51 -20.41 -28.62
C TRP B 111 0.17 -19.89 -29.10
N ARG B 112 -0.90 -20.52 -28.61
CA ARG B 112 -2.27 -20.25 -29.06
C ARG B 112 -3.20 -20.10 -27.85
N VAL B 113 -3.95 -19.01 -27.81
CA VAL B 113 -4.89 -18.73 -26.70
C VAL B 113 -5.97 -19.86 -26.56
N GLU B 114 -6.38 -20.42 -27.69
CA GLU B 114 -7.37 -21.51 -27.70
C GLU B 114 -6.82 -22.91 -27.34
N LYS B 115 -5.50 -23.04 -27.28
CA LYS B 115 -4.90 -24.33 -26.99
C LYS B 115 -4.10 -24.38 -25.70
N HIS B 116 -3.56 -23.21 -25.29
CA HIS B 116 -2.48 -23.12 -24.30
C HIS B 116 -2.83 -22.12 -23.21
N ILE B 117 -2.20 -22.27 -22.05
CA ILE B 117 -2.39 -21.34 -20.92
C ILE B 117 -1.06 -20.70 -20.58
N ARG B 118 -1.05 -19.38 -20.37
CA ARG B 118 0.18 -18.70 -19.95
C ARG B 118 -0.09 -17.86 -18.67
N PHE B 119 0.71 -18.17 -17.63
CA PHE B 119 0.66 -17.53 -16.35
C PHE B 119 2.03 -16.95 -16.03
N MET B 120 2.06 -15.99 -15.11
CA MET B 120 3.27 -15.57 -14.40
C MET B 120 3.15 -16.06 -12.95
N ALA B 121 4.16 -16.72 -12.40
CA ALA B 121 4.05 -17.24 -11.06
C ALA B 121 5.44 -17.38 -10.42
N ASP B 122 5.51 -17.01 -9.15
CA ASP B 122 6.71 -17.28 -8.35
C ASP B 122 6.75 -18.77 -8.01
N LEU B 123 7.36 -19.55 -8.88
CA LEU B 123 7.36 -21.02 -8.79
C LEU B 123 8.52 -21.57 -7.96
N ARG B 124 9.49 -20.70 -7.66
CA ARG B 124 10.70 -21.13 -6.96
C ARG B 124 10.91 -20.42 -5.64
N LYS B 125 9.91 -19.63 -5.22
CA LYS B 125 9.99 -18.79 -4.02
C LYS B 125 11.15 -17.79 -4.03
N THR B 126 11.37 -17.17 -5.19
CA THR B 126 12.45 -16.21 -5.33
C THR B 126 12.02 -14.79 -5.03
N GLY B 127 10.72 -14.57 -4.92
CA GLY B 127 10.17 -13.22 -4.85
C GLY B 127 9.70 -12.72 -6.19
N ARG B 128 10.20 -13.34 -7.28
CA ARG B 128 9.97 -12.94 -8.67
C ARG B 128 9.12 -13.97 -9.44
N ALA B 129 8.21 -13.47 -10.27
CA ALA B 129 7.38 -14.34 -11.09
C ALA B 129 8.15 -14.87 -12.28
N ASP B 130 8.10 -16.20 -12.40
CA ASP B 130 8.63 -16.95 -13.53
C ASP B 130 7.54 -17.01 -14.58
N ILE B 131 7.95 -17.25 -15.81
CA ILE B 131 6.99 -17.51 -16.89
C ILE B 131 6.61 -18.97 -16.88
N VAL B 132 5.31 -19.24 -16.93
CA VAL B 132 4.79 -20.59 -16.88
C VAL B 132 3.77 -20.76 -17.99
N GLY B 133 3.94 -21.81 -18.78
CA GLY B 133 3.07 -22.03 -19.94
C GLY B 133 2.61 -23.47 -20.06
N PHE B 134 1.32 -23.69 -20.18
CA PHE B 134 0.80 -25.03 -20.52
C PHE B 134 0.72 -25.11 -22.05
N GLY B 135 1.69 -25.78 -22.65
CA GLY B 135 1.88 -25.77 -24.10
C GLY B 135 1.33 -27.02 -24.77
N ASP B 136 1.97 -27.42 -25.88
CA ASP B 136 1.62 -28.63 -26.61
C ASP B 136 2.18 -29.82 -25.83
N GLY B 137 3.51 -29.84 -25.67
CA GLY B 137 4.29 -30.94 -25.06
C GLY B 137 4.15 -31.12 -23.55
N GLY B 138 3.60 -30.10 -22.89
CA GLY B 138 3.42 -30.10 -21.44
C GLY B 138 3.68 -28.68 -20.87
N ILE B 139 4.16 -28.66 -19.64
CA ILE B 139 4.32 -27.40 -18.90
C ILE B 139 5.74 -26.93 -19.12
N TYR B 140 5.87 -25.72 -19.66
CA TYR B 140 7.15 -25.04 -19.86
C TYR B 140 7.35 -23.88 -18.87
N ILE B 141 8.59 -23.73 -18.41
CA ILE B 141 8.98 -22.65 -17.51
C ILE B 141 10.18 -21.86 -18.07
N SER B 142 10.14 -20.54 -17.93
CA SER B 142 11.33 -19.72 -18.08
C SER B 142 11.57 -19.05 -16.74
N ARG B 143 12.74 -19.34 -16.16
CA ARG B 143 13.14 -18.85 -14.85
C ARG B 143 13.49 -17.37 -14.95
N ASN B 144 12.97 -16.62 -13.99
CA ASN B 144 13.18 -15.20 -13.89
C ASN B 144 14.42 -15.03 -13.04
N ASN B 145 15.58 -14.85 -13.68
CA ASN B 145 16.84 -14.79 -12.92
C ASN B 145 17.16 -13.38 -12.46
N GLY B 146 16.24 -12.45 -12.70
CA GLY B 146 16.34 -11.11 -12.17
C GLY B 146 16.95 -10.18 -13.17
N GLY B 147 16.74 -8.89 -12.93
CA GLY B 147 17.23 -7.81 -13.77
C GLY B 147 16.70 -7.81 -15.20
N GLY B 148 15.56 -8.47 -15.44
CA GLY B 148 15.01 -8.61 -16.80
C GLY B 148 15.49 -9.88 -17.51
N GLN B 149 16.25 -10.71 -16.81
CA GLN B 149 16.89 -11.87 -17.40
C GLN B 149 16.07 -13.12 -17.18
N PHE B 150 15.50 -13.64 -18.27
CA PHE B 150 14.76 -14.89 -18.20
C PHE B 150 15.49 -16.01 -18.91
N ALA B 151 15.70 -17.13 -18.22
CA ALA B 151 16.36 -18.30 -18.80
C ALA B 151 15.51 -18.95 -19.89
N PRO B 152 16.14 -19.49 -20.95
CA PRO B 152 15.39 -20.24 -21.96
C PRO B 152 14.43 -21.26 -21.37
N ALA B 153 13.33 -21.48 -22.09
CA ALA B 153 12.27 -22.37 -21.62
C ALA B 153 12.74 -23.82 -21.43
N GLN B 154 12.22 -24.46 -20.40
CA GLN B 154 12.42 -25.88 -20.17
C GLN B 154 11.10 -26.56 -19.87
N LEU B 155 10.95 -27.80 -20.30
CA LEU B 155 9.78 -28.58 -20.01
C LEU B 155 9.77 -28.94 -18.54
N ALA B 156 9.03 -28.18 -17.74
CA ALA B 156 8.84 -28.51 -16.32
C ALA B 156 8.22 -29.91 -16.13
N LEU B 157 7.35 -30.32 -17.04
CA LEU B 157 6.71 -31.63 -16.96
C LEU B 157 6.03 -31.99 -18.29
N ASN B 158 6.22 -33.24 -18.74
CA ASN B 158 5.57 -33.76 -19.98
C ASN B 158 4.12 -34.22 -19.79
N ASN B 159 3.28 -33.37 -19.18
CA ASN B 159 1.88 -33.68 -18.94
C ASN B 159 1.14 -32.33 -18.81
N PHE B 160 -0.20 -32.37 -18.80
CA PHE B 160 -1.07 -31.17 -18.71
C PHE B 160 -1.00 -30.30 -19.97
N GLY B 161 -0.52 -30.91 -21.06
CA GLY B 161 -0.27 -30.26 -22.32
C GLY B 161 -1.32 -30.69 -23.33
N TYR B 162 -1.40 -29.94 -24.43
CA TYR B 162 -2.34 -30.26 -25.49
C TYR B 162 -2.09 -31.69 -26.02
N ALA B 163 -0.83 -32.14 -26.06
CA ALA B 163 -0.50 -33.46 -26.60
C ALA B 163 -1.06 -34.58 -25.71
N GLN B 164 -1.26 -34.31 -24.42
CA GLN B 164 -1.74 -35.32 -23.50
C GLN B 164 -3.25 -35.26 -23.39
N GLY B 165 -3.85 -34.49 -24.30
CA GLY B 165 -5.28 -34.44 -24.40
C GLY B 165 -5.97 -33.32 -23.65
N TRP B 166 -5.22 -32.37 -23.08
CA TRP B 166 -5.81 -31.31 -22.27
C TRP B 166 -6.43 -30.27 -23.17
N ARG B 167 -7.66 -29.89 -22.85
CA ARG B 167 -8.52 -29.07 -23.70
C ARG B 167 -9.23 -28.04 -22.86
N LEU B 168 -9.17 -26.80 -23.32
CA LEU B 168 -9.83 -25.70 -22.62
C LEU B 168 -11.32 -25.84 -22.59
N ASP B 169 -11.88 -26.62 -23.53
CA ASP B 169 -13.31 -26.80 -23.51
C ASP B 169 -13.79 -28.05 -22.72
N ARG B 170 -12.85 -28.77 -22.12
CA ARG B 170 -13.17 -29.95 -21.27
C ARG B 170 -12.55 -29.90 -19.88
N HIS B 171 -11.39 -29.25 -19.75
CA HIS B 171 -10.54 -29.45 -18.57
C HIS B 171 -10.15 -28.13 -17.94
N LEU B 172 -9.65 -28.18 -16.70
CA LEU B 172 -9.22 -26.95 -15.98
C LEU B 172 -7.84 -27.16 -15.39
N ARG B 173 -7.02 -26.11 -15.37
CA ARG B 173 -5.69 -26.18 -14.82
C ARG B 173 -5.37 -24.95 -13.93
N PHE B 174 -4.80 -25.23 -12.77
CA PHE B 174 -4.59 -24.26 -11.69
C PHE B 174 -3.18 -24.38 -11.14
N LEU B 175 -2.67 -23.33 -10.54
CA LEU B 175 -1.45 -23.48 -9.70
C LEU B 175 -1.84 -23.12 -8.26
N ALA B 176 -1.48 -23.97 -7.29
CA ALA B 176 -1.94 -23.81 -5.91
C ALA B 176 -1.09 -24.69 -5.01
N ASP B 177 -0.80 -24.22 -3.80
CA ASP B 177 -0.08 -25.03 -2.80
C ASP B 177 -1.07 -26.02 -2.15
N VAL B 178 -0.89 -27.32 -2.44
CA VAL B 178 -1.71 -28.40 -1.87
C VAL B 178 -1.00 -29.19 -0.73
N THR B 179 0.28 -28.88 -0.48
CA THR B 179 1.07 -29.56 0.56
C THR B 179 1.34 -28.68 1.77
N GLY B 180 1.52 -27.39 1.54
CA GLY B 180 1.82 -26.43 2.59
C GLY B 180 3.25 -25.92 2.60
N ASP B 181 4.10 -26.38 1.68
CA ASP B 181 5.49 -25.91 1.67
C ASP B 181 5.71 -24.50 1.05
N GLY B 182 4.64 -23.78 0.71
CA GLY B 182 4.77 -22.46 0.05
C GLY B 182 5.07 -22.51 -1.44
N LEU B 183 5.23 -23.73 -1.99
CA LEU B 183 5.45 -23.89 -3.42
C LEU B 183 4.14 -24.20 -4.14
N LEU B 184 3.95 -23.64 -5.33
CA LEU B 184 2.72 -23.82 -6.10
C LEU B 184 2.84 -25.09 -6.92
N ASP B 185 1.88 -25.99 -6.69
CA ASP B 185 1.74 -27.26 -7.40
C ASP B 185 0.72 -27.09 -8.51
N VAL B 186 0.71 -28.01 -9.47
CA VAL B 186 -0.34 -28.05 -10.49
C VAL B 186 -1.54 -28.81 -9.96
N VAL B 187 -2.74 -28.27 -10.16
CA VAL B 187 -3.97 -29.01 -10.02
C VAL B 187 -4.66 -28.98 -11.37
N GLY B 188 -4.93 -30.16 -11.93
CA GLY B 188 -5.68 -30.24 -13.19
C GLY B 188 -6.88 -31.14 -13.09
N PHE B 189 -8.03 -30.63 -13.52
CA PHE B 189 -9.26 -31.38 -13.61
C PHE B 189 -9.32 -31.94 -15.04
N GLY B 190 -8.89 -33.21 -15.17
CA GLY B 190 -8.74 -33.84 -16.46
C GLY B 190 -10.00 -34.49 -17.02
N GLU B 191 -9.80 -35.46 -17.91
CA GLU B 191 -10.93 -36.16 -18.54
C GLU B 191 -11.74 -36.90 -17.47
N ASN B 192 -11.07 -37.68 -16.62
CA ASN B 192 -11.77 -38.51 -15.63
C ASN B 192 -11.33 -38.38 -14.18
N GLN B 193 -10.19 -37.71 -13.94
CA GLN B 193 -9.61 -37.52 -12.60
C GLN B 193 -9.03 -36.12 -12.41
N VAL B 194 -9.24 -35.57 -11.22
CA VAL B 194 -8.48 -34.43 -10.77
C VAL B 194 -7.10 -34.98 -10.45
N TYR B 195 -6.07 -34.40 -11.06
CA TYR B 195 -4.66 -34.73 -10.80
C TYR B 195 -3.94 -33.59 -10.06
N ILE B 196 -2.86 -33.96 -9.38
CA ILE B 196 -1.89 -33.05 -8.77
C ILE B 196 -0.53 -33.34 -9.35
N ALA B 197 0.28 -32.34 -9.61
CA ALA B 197 1.72 -32.53 -9.83
C ALA B 197 2.42 -31.64 -8.81
N ARG B 198 3.18 -32.25 -7.91
CA ARG B 198 3.82 -31.50 -6.82
C ARG B 198 5.08 -30.78 -7.32
N ASN B 199 5.28 -29.54 -6.83
CA ASN B 199 6.40 -28.67 -7.20
C ASN B 199 7.68 -29.17 -6.54
N SER B 200 8.73 -29.38 -7.35
CA SER B 200 10.06 -29.74 -6.85
C SER B 200 10.83 -28.51 -6.34
N GLY B 201 10.43 -27.31 -6.78
CA GLY B 201 11.07 -26.04 -6.37
C GLY B 201 12.22 -25.63 -7.27
N ASN B 202 12.43 -26.41 -8.33
CA ASN B 202 13.59 -26.25 -9.22
C ASN B 202 13.23 -25.92 -10.68
N GLY B 203 11.95 -25.65 -10.92
CA GLY B 203 11.44 -25.47 -12.29
C GLY B 203 10.97 -26.78 -12.90
N THR B 204 10.66 -27.75 -12.05
CA THR B 204 10.01 -29.00 -12.46
C THR B 204 8.92 -29.43 -11.48
N PHE B 205 7.97 -30.19 -11.97
CA PHE B 205 7.02 -30.87 -11.12
C PHE B 205 7.30 -32.35 -11.16
N GLN B 206 6.75 -33.06 -10.17
CA GLN B 206 6.78 -34.51 -10.10
C GLN B 206 5.62 -35.00 -10.95
N PRO B 207 5.68 -36.27 -11.39
CA PRO B 207 4.62 -36.86 -12.20
C PRO B 207 3.23 -36.69 -11.62
N ALA B 208 2.25 -36.44 -12.50
CA ALA B 208 0.88 -36.23 -12.05
C ALA B 208 0.34 -37.43 -11.30
N GLN B 209 -0.37 -37.17 -10.21
CA GLN B 209 -1.00 -38.20 -9.40
C GLN B 209 -2.50 -37.88 -9.29
N ALA B 210 -3.32 -38.86 -9.62
CA ALA B 210 -4.77 -38.72 -9.55
C ALA B 210 -5.24 -38.67 -8.11
N VAL B 211 -6.12 -37.71 -7.79
CA VAL B 211 -6.55 -37.52 -6.40
C VAL B 211 -8.04 -37.57 -6.18
N VAL B 212 -8.84 -37.28 -7.20
CA VAL B 212 -10.29 -37.29 -7.05
C VAL B 212 -10.97 -37.82 -8.33
N ASN B 213 -11.94 -38.71 -8.12
CA ASN B 213 -12.76 -39.28 -9.22
C ASN B 213 -14.08 -38.59 -9.35
N ASN B 214 -14.00 -37.28 -9.50
CA ASN B 214 -15.20 -36.47 -9.60
C ASN B 214 -14.70 -35.10 -10.10
N PHE B 215 -15.64 -34.18 -10.23
CA PHE B 215 -15.32 -32.81 -10.71
C PHE B 215 -14.80 -32.78 -12.15
N CYS B 216 -15.11 -33.80 -12.95
CA CYS B 216 -14.53 -33.91 -14.29
C CYS B 216 -15.57 -34.28 -15.32
N ILE B 217 -15.24 -34.05 -16.59
CA ILE B 217 -16.21 -34.21 -17.65
C ILE B 217 -16.66 -35.67 -17.80
N GLY B 218 -15.76 -36.61 -17.57
CA GLY B 218 -16.11 -38.03 -17.57
C GLY B 218 -16.11 -38.62 -16.17
N ALA B 219 -16.49 -37.83 -15.19
CA ALA B 219 -16.54 -38.25 -13.77
C ALA B 219 -17.34 -37.25 -12.96
N GLY B 220 -18.66 -37.39 -13.01
CA GLY B 220 -19.57 -36.48 -12.36
C GLY B 220 -20.35 -35.67 -13.38
N GLY B 221 -19.88 -35.73 -14.64
CA GLY B 221 -20.46 -34.98 -15.74
C GLY B 221 -20.29 -33.49 -15.55
N TRP B 222 -19.10 -33.09 -15.07
CA TRP B 222 -18.80 -31.69 -14.79
C TRP B 222 -18.39 -31.02 -16.09
N THR B 223 -19.15 -30.02 -16.52
CA THR B 223 -18.85 -29.35 -17.81
C THR B 223 -18.32 -27.93 -17.58
N ILE B 224 -17.44 -27.50 -18.49
CA ILE B 224 -16.97 -26.09 -18.50
C ILE B 224 -18.18 -25.18 -18.66
N SER B 225 -19.18 -25.65 -19.40
CA SER B 225 -20.28 -24.84 -19.84
C SER B 225 -21.33 -24.58 -18.73
N ALA B 226 -21.40 -25.46 -17.73
CA ALA B 226 -22.44 -25.35 -16.71
C ALA B 226 -22.02 -25.52 -15.24
N HIS B 227 -20.84 -26.06 -14.98
CA HIS B 227 -20.36 -26.36 -13.61
C HIS B 227 -18.93 -25.81 -13.28
N PRO B 228 -18.84 -24.52 -12.91
CA PRO B 228 -17.49 -24.01 -12.55
C PRO B 228 -16.88 -24.74 -11.34
N ARG B 229 -15.56 -24.87 -11.34
CA ARG B 229 -14.78 -25.37 -10.20
C ARG B 229 -13.64 -24.40 -9.82
N VAL B 230 -13.25 -24.43 -8.56
CA VAL B 230 -12.21 -23.55 -8.04
C VAL B 230 -11.34 -24.35 -7.10
N VAL B 231 -10.15 -23.84 -6.91
CA VAL B 231 -9.21 -24.35 -5.92
C VAL B 231 -9.00 -23.23 -4.89
N ALA B 232 -9.29 -23.51 -3.60
CA ALA B 232 -9.24 -22.48 -2.53
C ALA B 232 -9.15 -23.15 -1.15
N ASP B 233 -8.42 -22.52 -0.25
CA ASP B 233 -8.33 -22.93 1.17
C ASP B 233 -9.67 -22.74 1.87
N LEU B 234 -10.33 -23.84 2.23
CA LEU B 234 -11.65 -23.80 2.92
C LEU B 234 -11.56 -24.01 4.43
N THR B 235 -10.36 -24.29 4.94
CA THR B 235 -10.11 -24.60 6.37
C THR B 235 -9.11 -23.73 7.18
N GLY B 236 -8.26 -22.94 6.52
CA GLY B 236 -7.36 -22.03 7.23
C GLY B 236 -5.92 -22.44 7.41
N ASP B 237 -5.56 -23.61 6.92
CA ASP B 237 -4.20 -24.12 7.07
C ASP B 237 -3.26 -23.74 5.90
N ARG B 238 -3.74 -22.89 4.97
CA ARG B 238 -2.96 -22.41 3.83
C ARG B 238 -2.77 -23.43 2.72
N LYS B 239 -3.45 -24.56 2.85
CA LYS B 239 -3.43 -25.63 1.82
C LYS B 239 -4.74 -25.57 1.07
N ALA B 240 -4.65 -25.71 -0.25
CA ALA B 240 -5.81 -25.57 -1.13
C ALA B 240 -6.69 -26.82 -1.08
N ASP B 241 -7.99 -26.59 -1.00
CA ASP B 241 -9.02 -27.61 -1.19
C ASP B 241 -9.72 -27.47 -2.56
N ILE B 242 -10.64 -28.40 -2.86
CA ILE B 242 -11.41 -28.36 -4.12
C ILE B 242 -12.90 -28.04 -3.89
N LEU B 243 -13.47 -27.16 -4.71
CA LEU B 243 -14.91 -26.85 -4.64
C LEU B 243 -15.48 -26.67 -6.03
N GLY B 244 -16.65 -27.28 -6.23
CA GLY B 244 -17.37 -27.27 -7.50
C GLY B 244 -18.84 -26.83 -7.37
N PHE B 245 -19.29 -26.07 -8.35
CA PHE B 245 -20.67 -25.65 -8.43
C PHE B 245 -21.37 -26.57 -9.43
N GLY B 246 -21.94 -27.67 -8.92
CA GLY B 246 -22.52 -28.70 -9.77
C GLY B 246 -24.03 -28.61 -9.93
N VAL B 247 -24.67 -29.78 -10.07
CA VAL B 247 -26.11 -29.85 -10.34
C VAL B 247 -26.91 -29.52 -9.08
N ALA B 248 -26.75 -30.35 -8.05
CA ALA B 248 -27.54 -30.24 -6.82
C ALA B 248 -27.21 -28.95 -6.09
N GLY B 249 -25.95 -28.56 -6.19
CA GLY B 249 -25.43 -27.38 -5.51
C GLY B 249 -23.92 -27.51 -5.41
N VAL B 250 -23.39 -27.18 -4.24
CA VAL B 250 -21.96 -27.03 -4.06
C VAL B 250 -21.34 -28.29 -3.48
N TYR B 251 -20.38 -28.85 -4.21
CA TYR B 251 -19.62 -30.02 -3.80
C TYR B 251 -18.19 -29.64 -3.45
N THR B 252 -17.62 -30.30 -2.45
CA THR B 252 -16.20 -30.14 -2.09
C THR B 252 -15.47 -31.46 -1.95
N SER B 253 -14.15 -31.39 -2.06
CA SER B 253 -13.21 -32.41 -1.60
C SER B 253 -12.01 -31.80 -0.85
N LEU B 254 -11.86 -32.18 0.42
CA LEU B 254 -10.94 -31.50 1.33
C LEU B 254 -9.59 -32.14 1.29
N ASN B 255 -8.58 -31.30 1.23
CA ASN B 255 -7.20 -31.71 1.30
C ASN B 255 -6.89 -32.39 2.67
N ASN B 256 -6.28 -33.58 2.69
CA ASN B 256 -6.02 -34.21 4.01
C ASN B 256 -4.97 -33.45 4.83
N GLY B 257 -4.22 -32.57 4.18
CA GLY B 257 -3.07 -31.90 4.77
C GLY B 257 -1.82 -32.15 3.96
N ASN B 258 -1.87 -33.10 3.03
CA ASN B 258 -0.65 -33.47 2.32
C ASN B 258 -0.80 -33.62 0.79
N GLY B 259 -1.84 -33.01 0.22
CA GLY B 259 -2.06 -33.11 -1.22
C GLY B 259 -2.73 -34.42 -1.65
N THR B 260 -3.16 -35.21 -0.67
CA THR B 260 -4.15 -36.26 -0.91
C THR B 260 -5.47 -35.69 -0.42
N PHE B 261 -6.55 -36.18 -1.02
CA PHE B 261 -7.85 -35.58 -0.90
C PHE B 261 -8.86 -36.58 -0.40
N GLY B 262 -9.79 -36.08 0.43
CA GLY B 262 -10.90 -36.88 0.93
C GLY B 262 -12.06 -37.01 -0.02
N ALA B 263 -13.08 -37.71 0.46
CA ALA B 263 -14.31 -37.96 -0.29
C ALA B 263 -15.07 -36.69 -0.63
N VAL B 264 -15.87 -36.78 -1.67
CA VAL B 264 -16.63 -35.65 -2.20
C VAL B 264 -17.97 -35.55 -1.48
N ASN B 265 -18.41 -34.33 -1.16
CA ASN B 265 -19.66 -34.11 -0.43
C ASN B 265 -20.38 -32.90 -0.94
N LEU B 266 -21.71 -32.98 -1.01
CA LEU B 266 -22.59 -31.85 -1.25
C LEU B 266 -22.78 -31.04 0.04
N VAL B 267 -22.15 -29.86 0.14
CA VAL B 267 -22.14 -29.10 1.40
C VAL B 267 -23.16 -27.99 1.41
N LEU B 268 -23.77 -27.74 0.26
CA LEU B 268 -24.76 -26.70 0.16
C LEU B 268 -25.59 -27.03 -1.08
N LYS B 269 -26.91 -27.00 -0.93
CA LYS B 269 -27.83 -27.31 -2.01
C LYS B 269 -28.35 -25.98 -2.56
N ASP B 270 -27.40 -25.19 -3.08
CA ASP B 270 -27.67 -23.91 -3.73
C ASP B 270 -26.45 -23.62 -4.59
N PHE B 271 -26.55 -22.53 -5.35
CA PHE B 271 -25.51 -22.07 -6.28
C PHE B 271 -25.30 -23.07 -7.41
N GLY B 272 -26.31 -23.91 -7.64
CA GLY B 272 -26.22 -25.03 -8.58
C GLY B 272 -27.19 -24.84 -9.73
N VAL B 273 -27.04 -25.68 -10.75
CA VAL B 273 -27.94 -25.63 -11.91
C VAL B 273 -29.41 -25.68 -11.46
N ASN B 274 -29.67 -26.54 -10.49
CA ASN B 274 -31.03 -26.77 -10.01
C ASN B 274 -31.72 -25.59 -9.35
N SER B 275 -30.93 -24.65 -8.85
CA SER B 275 -31.46 -23.39 -8.38
C SER B 275 -31.33 -22.35 -9.49
N GLY B 276 -31.08 -22.80 -10.71
CA GLY B 276 -31.11 -21.91 -11.86
C GLY B 276 -29.85 -21.07 -12.03
N TRP B 277 -28.73 -21.52 -11.48
CA TRP B 277 -27.46 -20.82 -11.69
C TRP B 277 -26.90 -21.24 -13.06
N ARG B 278 -26.52 -20.22 -13.84
CA ARG B 278 -26.08 -20.38 -15.23
C ARG B 278 -24.83 -19.52 -15.47
N VAL B 279 -23.79 -20.17 -15.98
CA VAL B 279 -22.50 -19.54 -16.32
C VAL B 279 -22.73 -18.31 -17.19
N GLU B 280 -23.70 -18.41 -18.10
CA GLU B 280 -24.00 -17.33 -19.05
C GLU B 280 -24.59 -16.09 -18.42
N LYS B 281 -25.27 -16.26 -17.30
CA LYS B 281 -26.01 -15.19 -16.65
C LYS B 281 -25.41 -14.78 -15.32
N HIS B 282 -24.68 -15.70 -14.69
CA HIS B 282 -24.31 -15.57 -13.28
C HIS B 282 -22.79 -15.78 -13.06
N VAL B 283 -22.30 -15.18 -11.97
CA VAL B 283 -20.88 -15.28 -11.59
C VAL B 283 -20.82 -15.91 -10.18
N ARG B 284 -20.00 -16.95 -10.04
CA ARG B 284 -19.84 -17.66 -8.78
C ARG B 284 -18.36 -17.72 -8.41
N CYS B 285 -18.06 -17.32 -7.17
CA CYS B 285 -16.69 -17.09 -6.70
C CYS B 285 -16.52 -17.67 -5.30
N VAL B 286 -15.26 -17.96 -4.97
CA VAL B 286 -14.88 -18.25 -3.57
C VAL B 286 -13.77 -17.29 -3.13
N SER B 287 -13.97 -16.66 -2.00
CA SER B 287 -13.01 -15.70 -1.46
C SER B 287 -13.25 -15.50 0.02
N SER B 288 -12.25 -15.00 0.75
CA SER B 288 -12.44 -14.74 2.20
C SER B 288 -13.22 -13.46 2.46
N LEU B 289 -14.37 -13.60 3.15
CA LEU B 289 -15.27 -12.49 3.47
C LEU B 289 -15.30 -12.13 4.95
N THR B 290 -14.58 -12.91 5.75
CA THR B 290 -14.56 -12.80 7.20
C THR B 290 -13.16 -12.99 7.80
N ASN B 291 -13.05 -12.69 9.09
CA ASN B 291 -11.78 -12.84 9.83
C ASN B 291 -11.28 -14.28 9.97
N LYS B 292 -12.08 -15.25 9.51
CA LYS B 292 -11.66 -16.64 9.48
C LYS B 292 -10.66 -16.93 8.38
N LYS B 293 -10.57 -16.06 7.36
CA LYS B 293 -9.54 -16.20 6.33
C LYS B 293 -9.65 -17.55 5.61
N VAL B 294 -10.87 -17.88 5.24
CA VAL B 294 -11.19 -19.12 4.53
C VAL B 294 -12.12 -18.79 3.36
N GLY B 295 -12.28 -19.75 2.45
CA GLY B 295 -13.11 -19.55 1.25
C GLY B 295 -14.60 -19.58 1.52
N ASP B 296 -15.21 -18.40 1.45
CA ASP B 296 -16.66 -18.22 1.48
C ASP B 296 -17.20 -18.19 0.06
N ILE B 297 -18.50 -18.41 -0.08
CA ILE B 297 -19.15 -18.47 -1.37
C ILE B 297 -19.90 -17.21 -1.72
N ILE B 298 -19.66 -16.75 -2.94
CA ILE B 298 -20.29 -15.54 -3.43
C ILE B 298 -20.90 -15.83 -4.77
N GLY B 299 -22.15 -15.41 -4.96
CA GLY B 299 -22.87 -15.62 -6.22
C GLY B 299 -23.62 -14.38 -6.69
N PHE B 300 -23.28 -13.93 -7.89
CA PHE B 300 -23.95 -12.81 -8.49
C PHE B 300 -25.09 -13.48 -9.28
N GLY B 301 -26.30 -13.33 -8.77
CA GLY B 301 -27.45 -14.00 -9.37
C GLY B 301 -28.36 -13.02 -10.06
N ASP B 302 -29.68 -13.26 -9.95
CA ASP B 302 -30.62 -12.40 -10.65
C ASP B 302 -30.95 -11.13 -9.86
N ALA B 303 -31.42 -11.30 -8.64
CA ALA B 303 -31.94 -10.16 -7.86
C ALA B 303 -30.83 -9.43 -7.14
N GLY B 304 -29.66 -10.05 -7.06
CA GLY B 304 -28.55 -9.41 -6.34
C GLY B 304 -27.42 -10.36 -6.06
N VAL B 305 -26.58 -9.98 -5.11
CA VAL B 305 -25.49 -10.85 -4.71
C VAL B 305 -25.90 -11.66 -3.50
N TYR B 306 -25.60 -12.95 -3.57
CA TYR B 306 -25.89 -13.94 -2.53
C TYR B 306 -24.59 -14.50 -1.97
N VAL B 307 -24.58 -14.74 -0.66
CA VAL B 307 -23.40 -15.23 0.02
C VAL B 307 -23.77 -16.35 0.96
N ALA B 308 -22.90 -17.33 1.07
CA ALA B 308 -22.91 -18.34 2.15
C ALA B 308 -21.54 -18.35 2.81
N LEU B 309 -21.52 -18.25 4.12
CA LEU B 309 -20.25 -18.15 4.86
C LEU B 309 -19.77 -19.48 5.34
N ASN B 310 -18.47 -19.68 5.15
CA ASN B 310 -17.78 -20.84 5.60
C ASN B 310 -17.71 -20.77 7.13
N ASN B 311 -18.12 -21.85 7.79
CA ASN B 311 -18.05 -21.88 9.27
C ASN B 311 -16.61 -21.87 9.79
N GLY B 312 -15.63 -22.25 8.95
CA GLY B 312 -14.21 -22.38 9.32
C GLY B 312 -13.60 -23.69 8.82
N ASN B 313 -14.46 -24.65 8.49
CA ASN B 313 -13.99 -26.01 8.25
C ASN B 313 -14.53 -26.62 6.96
N GLY B 314 -15.03 -25.77 6.06
CA GLY B 314 -15.56 -26.21 4.81
C GLY B 314 -17.04 -26.46 4.79
N THR B 315 -17.72 -26.24 5.92
CA THR B 315 -19.17 -26.24 5.96
C THR B 315 -19.72 -24.82 5.95
N PHE B 316 -20.93 -24.68 5.45
CA PHE B 316 -21.47 -23.38 5.18
C PHE B 316 -22.75 -23.07 5.91
N GLY B 317 -22.94 -21.78 6.20
CA GLY B 317 -24.18 -21.26 6.71
C GLY B 317 -25.23 -21.11 5.62
N PRO B 318 -26.31 -20.37 5.93
CA PRO B 318 -27.38 -20.23 4.94
C PRO B 318 -26.96 -19.26 3.84
N VAL B 319 -27.71 -19.28 2.73
CA VAL B 319 -27.56 -18.31 1.66
C VAL B 319 -28.35 -17.06 1.98
N LYS B 320 -27.66 -15.92 2.02
CA LYS B 320 -28.29 -14.64 2.25
C LYS B 320 -28.06 -13.75 1.06
N ARG B 321 -29.07 -12.96 0.68
CA ARG B 321 -28.86 -11.90 -0.27
C ARG B 321 -28.26 -10.78 0.53
N VAL B 322 -27.14 -10.24 0.06
CA VAL B 322 -26.39 -9.24 0.82
C VAL B 322 -26.42 -7.85 0.19
N ILE B 323 -26.73 -7.79 -1.11
CA ILE B 323 -26.87 -6.54 -1.82
C ILE B 323 -27.89 -6.78 -2.90
N ASP B 324 -28.78 -5.80 -3.09
CA ASP B 324 -29.78 -5.82 -4.13
C ASP B 324 -29.26 -5.16 -5.40
N ASN B 325 -28.08 -5.57 -5.86
CA ASN B 325 -27.50 -4.99 -7.07
C ASN B 325 -26.41 -5.91 -7.58
N PHE B 326 -25.69 -5.47 -8.62
CA PHE B 326 -24.72 -6.30 -9.34
C PHE B 326 -25.34 -7.57 -9.94
N GLY B 327 -26.66 -7.66 -9.91
CA GLY B 327 -27.33 -8.84 -10.46
C GLY B 327 -27.88 -8.61 -11.85
N TYR B 328 -28.25 -9.71 -12.46
CA TYR B 328 -28.88 -9.72 -13.76
C TYR B 328 -30.11 -8.78 -13.85
N ASN B 329 -30.93 -8.74 -12.81
CA ASN B 329 -32.14 -7.93 -12.83
C ASN B 329 -31.84 -6.43 -12.84
N GLN B 330 -30.62 -6.07 -12.44
CA GLN B 330 -30.14 -4.69 -12.51
C GLN B 330 -29.32 -4.42 -13.79
N GLY B 331 -29.37 -5.38 -14.71
CA GLY B 331 -28.79 -5.22 -16.03
C GLY B 331 -27.36 -5.69 -16.20
N TRP B 332 -26.81 -6.27 -15.14
CA TRP B 332 -25.44 -6.77 -15.18
C TRP B 332 -25.40 -8.02 -16.05
N ARG B 333 -24.45 -8.06 -16.98
CA ARG B 333 -24.36 -9.20 -17.90
C ARG B 333 -22.94 -9.66 -17.94
N VAL B 334 -22.76 -10.97 -18.00
CA VAL B 334 -21.43 -11.63 -18.01
C VAL B 334 -20.59 -11.20 -19.19
N ASP B 335 -21.25 -11.08 -20.33
CA ASP B 335 -20.63 -10.77 -21.60
C ASP B 335 -20.23 -9.31 -21.71
N LYS B 336 -20.66 -8.50 -20.75
CA LYS B 336 -20.42 -7.06 -20.79
C LYS B 336 -19.77 -6.42 -19.58
N HIS B 337 -19.93 -6.99 -18.40
CA HIS B 337 -19.65 -6.23 -17.17
C HIS B 337 -18.83 -7.07 -16.17
N PRO B 338 -17.48 -6.99 -16.23
CA PRO B 338 -16.62 -7.71 -15.28
C PRO B 338 -16.98 -7.44 -13.82
N ARG B 339 -17.08 -8.51 -13.02
CA ARG B 339 -17.34 -8.41 -11.58
C ARG B 339 -16.29 -9.21 -10.83
N PHE B 340 -15.74 -8.65 -9.75
CA PHE B 340 -14.70 -9.33 -8.98
C PHE B 340 -15.03 -9.26 -7.52
N VAL B 341 -14.59 -10.27 -6.80
CA VAL B 341 -14.57 -10.23 -5.35
C VAL B 341 -13.12 -10.14 -4.85
N VAL B 342 -12.80 -9.06 -4.15
CA VAL B 342 -11.41 -8.68 -3.93
C VAL B 342 -11.34 -7.70 -2.79
N ASP B 343 -10.32 -7.82 -1.95
CA ASP B 343 -10.19 -6.80 -0.88
C ASP B 343 -9.81 -5.43 -1.50
N LEU B 344 -10.67 -4.43 -1.30
CA LEU B 344 -10.43 -3.06 -1.73
C LEU B 344 -10.16 -2.11 -0.57
N THR B 345 -10.24 -2.60 0.67
CA THR B 345 -10.24 -1.74 1.86
C THR B 345 -9.15 -2.08 2.91
N GLY B 346 -8.43 -3.17 2.69
CA GLY B 346 -7.33 -3.57 3.56
C GLY B 346 -7.67 -4.30 4.87
N ASP B 347 -8.93 -4.68 5.07
CA ASP B 347 -9.36 -5.36 6.31
C ASP B 347 -9.28 -6.90 6.22
N GLY B 348 -8.90 -7.42 5.07
CA GLY B 348 -8.90 -8.86 4.81
C GLY B 348 -10.25 -9.50 4.48
N CYS B 349 -11.31 -8.71 4.51
CA CYS B 349 -12.62 -9.16 4.10
C CYS B 349 -12.92 -8.67 2.71
N ALA B 350 -13.02 -9.60 1.76
CA ALA B 350 -13.14 -9.23 0.35
C ALA B 350 -14.41 -8.43 0.08
N ASP B 351 -14.26 -7.48 -0.83
CA ASP B 351 -15.28 -6.54 -1.26
C ASP B 351 -15.71 -6.88 -2.67
N ILE B 352 -16.66 -6.10 -3.20
CA ILE B 352 -17.17 -6.31 -4.56
C ILE B 352 -16.93 -5.09 -5.45
N VAL B 353 -16.44 -5.37 -6.67
CA VAL B 353 -16.29 -4.34 -7.68
C VAL B 353 -16.85 -4.80 -9.01
N GLY B 354 -17.56 -3.92 -9.69
CA GLY B 354 -18.11 -4.26 -11.00
C GLY B 354 -17.92 -3.12 -11.95
N PHE B 355 -17.45 -3.45 -13.15
CA PHE B 355 -17.30 -2.51 -14.25
C PHE B 355 -18.64 -2.51 -15.00
N GLY B 356 -19.48 -1.55 -14.65
CA GLY B 356 -20.87 -1.52 -15.13
C GLY B 356 -21.04 -0.94 -16.54
N GLU B 357 -22.30 -0.70 -16.87
CA GLU B 357 -22.65 -0.08 -18.13
C GLU B 357 -22.11 1.31 -18.25
N ASN B 358 -22.27 2.11 -17.20
CA ASN B 358 -21.80 3.49 -17.19
C ASN B 358 -20.80 3.89 -16.10
N SER B 359 -20.69 3.08 -15.06
CA SER B 359 -19.83 3.38 -13.92
C SER B 359 -19.15 2.12 -13.42
N VAL B 360 -18.02 2.32 -12.76
CA VAL B 360 -17.48 1.31 -11.88
C VAL B 360 -18.17 1.48 -10.56
N TRP B 361 -18.78 0.39 -10.07
CA TRP B 361 -19.46 0.35 -8.80
C TRP B 361 -18.72 -0.55 -7.80
N ALA B 362 -18.70 -0.16 -6.54
CA ALA B 362 -18.17 -1.02 -5.46
C ALA B 362 -19.19 -1.20 -4.34
N CYS B 363 -19.00 -2.27 -3.57
CA CYS B 363 -19.82 -2.54 -2.39
C CYS B 363 -18.91 -3.19 -1.38
N MET B 364 -18.77 -2.51 -0.25
CA MET B 364 -17.75 -2.88 0.72
C MET B 364 -18.31 -3.72 1.85
N ASN B 365 -17.65 -4.84 2.05
CA ASN B 365 -17.81 -5.69 3.23
C ASN B 365 -17.70 -4.88 4.53
N LYS B 366 -18.66 -5.08 5.42
CA LYS B 366 -18.61 -4.54 6.77
C LYS B 366 -17.59 -5.15 7.69
N GLY B 367 -17.06 -6.30 7.28
CA GLY B 367 -16.04 -7.03 8.01
C GLY B 367 -16.56 -8.38 8.53
N ASP B 368 -17.81 -8.70 8.23
CA ASP B 368 -18.40 -9.92 8.73
C ASP B 368 -19.19 -10.69 7.66
N GLY B 369 -18.95 -10.44 6.38
CA GLY B 369 -19.77 -11.09 5.37
C GLY B 369 -21.06 -10.38 4.99
N THR B 370 -21.39 -9.30 5.69
CA THR B 370 -22.46 -8.39 5.25
C THR B 370 -21.86 -7.16 4.57
N PHE B 371 -22.65 -6.51 3.74
CA PHE B 371 -22.18 -5.39 2.94
C PHE B 371 -22.92 -4.09 3.15
N GLY B 372 -22.22 -2.98 2.92
CA GLY B 372 -22.80 -1.65 2.85
C GLY B 372 -23.47 -1.37 1.51
N PRO B 373 -23.85 -0.11 1.28
CA PRO B 373 -24.54 0.26 0.04
C PRO B 373 -23.62 0.29 -1.17
N ILE B 374 -24.19 0.22 -2.35
CA ILE B 374 -23.41 0.34 -3.56
C ILE B 374 -22.80 1.76 -3.65
N MET B 375 -21.58 1.85 -4.20
CA MET B 375 -20.87 3.10 -4.36
C MET B 375 -20.44 3.33 -5.82
N LYS B 376 -20.82 4.46 -6.38
CA LYS B 376 -20.39 4.85 -7.71
C LYS B 376 -18.99 5.47 -7.61
N LEU B 377 -18.02 4.79 -8.20
CA LEU B 377 -16.60 5.13 -8.07
C LEU B 377 -16.17 6.07 -9.18
N ILE B 378 -16.45 5.69 -10.42
CA ILE B 378 -16.01 6.48 -11.55
C ILE B 378 -16.72 6.03 -12.84
N ASP B 379 -16.92 6.97 -13.78
CA ASP B 379 -17.58 6.63 -15.05
C ASP B 379 -16.55 6.46 -16.14
N ASP B 380 -15.76 5.41 -16.03
CA ASP B 380 -14.79 5.09 -17.03
C ASP B 380 -14.50 3.60 -16.82
N MET B 381 -13.80 3.02 -17.79
CA MET B 381 -13.54 1.60 -17.91
C MET B 381 -14.81 0.78 -18.04
N THR B 382 -15.78 1.35 -18.74
CA THR B 382 -17.15 0.83 -18.80
C THR B 382 -17.62 0.66 -20.23
N VAL B 383 -18.76 0.00 -20.41
CA VAL B 383 -19.35 -0.19 -21.73
C VAL B 383 -19.53 1.16 -22.40
N SER B 384 -20.07 2.12 -21.65
CA SER B 384 -20.39 3.43 -22.17
C SER B 384 -19.20 4.11 -22.78
N LYS B 385 -18.00 3.88 -22.24
CA LYS B 385 -16.79 4.58 -22.65
C LYS B 385 -15.97 3.73 -23.63
N GLY B 386 -16.56 2.69 -24.20
CA GLY B 386 -15.92 1.93 -25.28
C GLY B 386 -15.20 0.65 -24.89
N TRP B 387 -15.34 0.22 -23.64
CA TRP B 387 -14.69 -1.00 -23.14
C TRP B 387 -15.57 -2.20 -23.36
N THR B 388 -15.02 -3.20 -24.05
CA THR B 388 -15.71 -4.47 -24.31
C THR B 388 -14.87 -5.64 -23.86
N LEU B 389 -15.51 -6.74 -23.47
CA LEU B 389 -14.79 -8.00 -23.15
C LEU B 389 -13.94 -8.48 -24.30
N GLN B 390 -14.41 -8.19 -25.51
CA GLN B 390 -13.78 -8.70 -26.72
C GLN B 390 -12.48 -8.02 -27.10
N LYS B 391 -12.42 -6.70 -26.93
CA LYS B 391 -11.26 -5.92 -27.32
C LYS B 391 -10.51 -5.31 -26.14
N THR B 392 -10.94 -5.56 -24.92
CA THR B 392 -10.19 -5.04 -23.77
C THR B 392 -10.04 -6.06 -22.66
N VAL B 393 -9.11 -5.81 -21.73
CA VAL B 393 -8.91 -6.70 -20.55
C VAL B 393 -8.91 -5.83 -19.28
N ARG B 394 -9.69 -6.23 -18.27
CA ARG B 394 -9.72 -5.50 -17.02
C ARG B 394 -9.51 -6.46 -15.88
N TYR B 395 -8.75 -5.99 -14.89
CA TYR B 395 -8.41 -6.71 -13.66
C TYR B 395 -8.51 -5.85 -12.42
N ALA B 396 -8.81 -6.48 -11.30
CA ALA B 396 -8.29 -6.02 -10.03
C ALA B 396 -6.91 -6.60 -9.77
N ALA B 397 -6.03 -5.77 -9.27
CA ALA B 397 -4.64 -6.13 -9.10
C ALA B 397 -3.95 -5.27 -8.08
N ASN B 398 -3.08 -5.86 -7.26
CA ASN B 398 -2.33 -5.09 -6.25
C ASN B 398 -1.05 -4.58 -6.89
N LEU B 399 -1.13 -3.39 -7.46
CA LEU B 399 0.05 -2.75 -8.07
C LEU B 399 1.16 -2.45 -7.04
N TYR B 400 0.79 -2.19 -5.76
CA TYR B 400 1.72 -1.85 -4.68
C TYR B 400 1.53 -2.66 -3.35
N LEU B 401 2.53 -3.46 -2.93
CA LEU B 401 2.52 -4.27 -1.66
C LEU B 401 3.82 -4.15 -0.85
CA CA C . 0.01 13.08 -4.88
C1 SIA D . 18.40 7.79 34.55
C2 SIA D . 19.18 8.02 33.27
C3 SIA D . 18.36 7.65 32.05
C4 SIA D . 17.11 8.55 31.91
C5 SIA D . 17.58 9.98 31.78
C6 SIA D . 18.40 10.33 33.06
C7 SIA D . 19.04 11.71 33.06
C8 SIA D . 19.67 11.95 34.43
C9 SIA D . 20.28 13.35 34.48
C10 SIA D . 16.41 11.91 30.90
C11 SIA D . 15.30 12.64 30.89
N5 SIA D . 16.41 10.86 31.72
O1A SIA D . 17.37 7.09 34.55
O1B SIA D . 18.77 8.37 35.60
O2 SIA D . 20.43 7.27 33.24
O4 SIA D . 16.32 8.08 30.79
O6 SIA D . 19.50 9.40 33.21
O7 SIA D . 20.06 11.82 32.02
O8 SIA D . 18.69 11.84 35.50
O9 SIA D . 20.74 13.59 35.81
O10 SIA D . 17.50 12.19 30.20
C1 SIA E . 22.70 37.38 9.49
C2 SIA E . 21.85 37.79 8.31
C3 SIA E . 21.18 36.58 7.63
C4 SIA E . 20.12 35.94 8.54
C5 SIA E . 19.13 36.98 9.05
C6 SIA E . 20.00 38.01 9.82
C7 SIA E . 19.27 39.12 10.58
C8 SIA E . 20.22 40.06 11.36
C9 SIA E . 19.48 40.81 12.47
C10 SIA E . 16.90 36.21 9.95
C11 SIA E . 16.27 35.73 11.03
N5 SIA E . 18.23 36.43 10.07
O1A SIA E . 23.02 36.19 9.54
O1B SIA E . 23.04 38.21 10.41
O2 SIA E . 22.66 38.49 7.34
O4 SIA E . 19.50 34.91 7.74
O6 SIA E . 20.81 38.64 8.80
O7 SIA E . 18.54 39.82 9.58
O8 SIA E . 21.37 39.42 11.98
O9 SIA E . 20.09 42.06 12.82
O10 SIA E . 16.27 36.47 8.82
C1 SIA F . 28.54 22.45 25.51
C2 SIA F . 28.75 23.15 24.18
C3 SIA F . 28.01 22.40 23.07
C4 SIA F . 26.49 22.53 23.26
C5 SIA F . 26.13 23.99 23.14
C6 SIA F . 26.90 24.80 24.20
C7 SIA F . 26.61 26.30 24.02
C8 SIA F . 27.18 27.10 25.20
C9 SIA F . 27.40 28.57 24.87
C10 SIA F . 23.86 24.86 22.77
C11 SIA F . 22.61 24.91 23.20
N5 SIA F . 24.73 24.13 23.49
O1A SIA F . 28.86 21.24 25.58
O1B SIA F . 28.04 23.06 26.49
O2 SIA F . 30.17 23.08 23.88
O4 SIA F . 25.82 21.74 22.29
O6 SIA F . 28.32 24.53 24.19
O7 SIA F . 27.08 26.80 22.76
O8 SIA F . 26.23 26.93 26.28
O9 SIA F . 28.06 29.25 25.96
O10 SIA F . 24.20 25.49 21.67
S SO4 G . 28.28 -2.23 19.08
O1 SO4 G . 29.20 -1.32 18.47
O2 SO4 G . 28.94 -3.44 19.57
O3 SO4 G . 27.70 -1.61 20.24
O4 SO4 G . 27.20 -2.70 18.24
S SO4 H . 2.06 3.04 32.62
O1 SO4 H . 3.17 3.43 31.73
O2 SO4 H . 0.81 2.87 31.88
O3 SO4 H . 2.40 1.78 33.31
O4 SO4 H . 1.90 4.03 33.69
S SO4 I . 30.22 28.60 -0.21
O1 SO4 I . 30.68 27.90 -1.40
O2 SO4 I . 30.69 27.90 0.99
O3 SO4 I . 30.80 29.96 -0.14
O4 SO4 I . 28.72 28.72 -0.33
CA CA J . -12.57 -5.24 2.57
C1 SIA K . -2.49 -39.64 -21.08
C2 SIA K . -2.99 -39.80 -19.66
C3 SIA K . -2.56 -38.60 -18.80
C4 SIA K . -3.26 -37.33 -19.26
C5 SIA K . -4.78 -37.48 -19.15
C6 SIA K . -5.23 -38.75 -19.95
C7 SIA K . -6.71 -39.13 -19.76
C8 SIA K . -7.11 -40.40 -20.53
C9 SIA K . -8.47 -40.24 -21.20
C10 SIA K . -6.51 -35.75 -19.46
C11 SIA K . -6.95 -34.71 -20.14
N5 SIA K . -5.37 -36.32 -19.84
O1A SIA K . -1.26 -39.76 -21.30
O1B SIA K . -3.28 -39.37 -22.01
O2 SIA K . -2.37 -40.98 -19.09
O4 SIA K . -2.73 -36.24 -18.49
O6 SIA K . -4.43 -39.91 -19.61
O7 SIA K . -7.04 -39.33 -18.37
O8 SIA K . -6.18 -40.70 -21.57
O9 SIA K . -9.05 -41.54 -21.40
O10 SIA K . -7.18 -36.22 -18.44
C1 SIA L . -29.14 0.99 -11.41
C2 SIA L . -27.80 1.71 -11.46
C3 SIA L . -26.81 0.77 -10.76
C4 SIA L . -26.67 -0.55 -11.53
C5 SIA L . -26.16 -0.26 -12.93
C6 SIA L . -27.08 0.76 -13.63
C7 SIA L . -26.59 1.22 -15.02
C8 SIA L . -27.79 1.76 -15.79
C9 SIA L . -27.52 1.99 -17.29
C10 SIA L . -25.25 -1.83 -14.56
C11 SIA L . -25.32 -2.98 -15.21
N5 SIA L . -26.20 -1.54 -13.66
O1A SIA L . -29.45 0.37 -10.36
O1B SIA L . -29.90 1.02 -12.42
O2 SIA L . -27.94 2.95 -10.71
O4 SIA L . -25.76 -1.38 -10.81
O6 SIA L . -27.31 1.95 -12.82
O7 SIA L . -25.51 2.18 -14.92
O8 SIA L . -28.88 0.83 -15.65
O9 SIA L . -27.79 3.35 -17.67
O10 SIA L . -24.28 -0.93 -14.80
S SO4 M . 6.58 -8.48 -31.08
O1 SO4 M . 6.07 -9.30 -29.96
O2 SO4 M . 8.05 -8.60 -31.18
O3 SO4 M . 6.09 -8.97 -32.37
O4 SO4 M . 6.20 -7.10 -30.82
#